data_8SHH
#
_entry.id   8SHH
#
_cell.length_a   56.783
_cell.length_b   77.489
_cell.length_c   146.882
_cell.angle_alpha   90.000
_cell.angle_beta   90.000
_cell.angle_gamma   90.000
#
_symmetry.space_group_name_H-M   'P 21 21 21'
#
loop_
_entity.id
_entity.type
_entity.pdbx_description
1 polymer 'dTDP-glucose 4,6-dehydratase'
2 non-polymer NICOTINAMIDE-ADENINE-DINUCLEOTIDE
3 non-polymer DI(HYDROXYETHYL)ETHER
4 water water
#
_entity_poly.entity_id   1
_entity_poly.type   'polypeptide(L)'
_entity_poly.pdbx_seq_one_letter_code
;MGSSHHHHHHSSGLVPRGSVPRVFVAGGAGFIGSHYVRELVAGAYAGWQGCEVTVLDSLTYAGNLANLAGVRDAVTFVRG
DICDGRLLAEVLPGHDVVLNFAAETHVDRSIADSAEFLRTNVQGVQSLMQACLTAGVPTIVQVSTDEVYGSIEAGSWSED
APLAPNSPYAAAKAGGDLIALAYARTYGLPVRITRCGNNYGPYQFPEKVIPLFLTRLMDGRSVPLYGDGRNVRDWIHVAD
HCRGIQTVVERGASGEVYHIAGTAELTNLELTQHLLDAVGGSWDAVERVPDRKGHDRRYSLSDAKLRALGYAPRVPFADG
LAETVAWYRANRHWWEPLRKQLDAVPHD
;
_entity_poly.pdbx_strand_id   A,B
#
loop_
_chem_comp.id
_chem_comp.type
_chem_comp.name
_chem_comp.formula
NAD non-polymer NICOTINAMIDE-ADENINE-DINUCLEOTIDE 'C21 H27 N7 O14 P2'
PEG non-polymer DI(HYDROXYETHYL)ETHER 'C4 H10 O3'
#
# COMPACT_ATOMS: atom_id res chain seq x y z
N ARG A 17 27.20 -21.73 -18.97
CA ARG A 17 28.12 -22.87 -18.94
C ARG A 17 28.18 -23.51 -17.55
N GLY A 18 28.43 -22.69 -16.52
CA GLY A 18 28.34 -23.15 -15.15
C GLY A 18 26.92 -23.01 -14.62
N SER A 19 26.76 -23.36 -13.33
CA SER A 19 25.46 -23.32 -12.66
C SER A 19 25.32 -22.14 -11.71
N VAL A 20 26.13 -21.11 -11.89
CA VAL A 20 25.96 -19.92 -11.03
C VAL A 20 24.60 -19.31 -11.29
N PRO A 21 23.87 -18.85 -10.27
CA PRO A 21 22.50 -18.39 -10.49
C PRO A 21 22.39 -17.27 -11.52
N ARG A 22 21.22 -17.21 -12.16
CA ARG A 22 20.87 -16.18 -13.12
C ARG A 22 20.04 -15.13 -12.40
N VAL A 23 20.41 -13.86 -12.56
CA VAL A 23 19.86 -12.80 -11.71
C VAL A 23 19.11 -11.81 -12.58
N PHE A 24 17.87 -11.49 -12.18
CA PHE A 24 16.99 -10.56 -12.88
C PHE A 24 16.86 -9.29 -12.05
N VAL A 25 17.24 -8.15 -12.65
CA VAL A 25 17.31 -6.87 -11.95
C VAL A 25 16.34 -5.90 -12.64
N ALA A 26 15.15 -5.76 -12.07
CA ALA A 26 14.24 -4.71 -12.54
C ALA A 26 14.74 -3.34 -12.04
N GLY A 27 14.66 -2.34 -12.91
CA GLY A 27 15.21 -1.05 -12.54
C GLY A 27 16.72 -0.99 -12.59
N GLY A 28 17.35 -1.95 -13.27
CA GLY A 28 18.80 -2.05 -13.26
C GLY A 28 19.57 -1.03 -14.08
N ALA A 29 18.90 -0.14 -14.80
CA ALA A 29 19.54 1.00 -15.45
C ALA A 29 19.45 2.28 -14.64
N GLY A 30 18.94 2.21 -13.40
CA GLY A 30 18.91 3.35 -12.50
C GLY A 30 20.19 3.46 -11.68
N PHE A 31 20.13 4.32 -10.66
CA PHE A 31 21.31 4.60 -9.82
C PHE A 31 21.73 3.37 -9.01
N ILE A 32 20.87 2.91 -8.11
CA ILE A 32 21.25 1.81 -7.22
C ILE A 32 21.31 0.49 -7.98
N GLY A 33 20.31 0.25 -8.83
CA GLY A 33 20.26 -1.00 -9.57
C GLY A 33 21.48 -1.21 -10.46
N SER A 34 21.94 -0.16 -11.16
CA SER A 34 23.10 -0.34 -12.02
C SER A 34 24.35 -0.59 -11.21
N HIS A 35 24.43 0.00 -10.01
CA HIS A 35 25.54 -0.32 -9.13
C HIS A 35 25.52 -1.78 -8.71
N TYR A 36 24.35 -2.28 -8.30
CA TYR A 36 24.25 -3.69 -7.95
C TYR A 36 24.70 -4.57 -9.11
N VAL A 37 24.25 -4.25 -10.33
CA VAL A 37 24.64 -5.02 -11.51
C VAL A 37 26.14 -4.97 -11.72
N ARG A 38 26.73 -3.77 -11.67
CA ARG A 38 28.16 -3.64 -11.88
C ARG A 38 28.95 -4.43 -10.83
N GLU A 39 28.56 -4.34 -9.56
CA GLU A 39 29.22 -5.13 -8.52
C GLU A 39 29.12 -6.62 -8.80
N LEU A 40 27.91 -7.07 -9.16
CA LEU A 40 27.68 -8.49 -9.40
C LEU A 40 28.53 -8.99 -10.56
N VAL A 41 28.58 -8.22 -11.65
CA VAL A 41 29.35 -8.62 -12.83
C VAL A 41 30.85 -8.54 -12.54
N ALA A 42 31.28 -7.53 -11.77
CA ALA A 42 32.69 -7.39 -11.43
C ALA A 42 33.18 -8.55 -10.56
N GLY A 43 32.27 -9.24 -9.87
CA GLY A 43 32.65 -10.31 -8.98
C GLY A 43 32.79 -9.89 -7.53
N ALA A 44 32.11 -8.81 -7.13
CA ALA A 44 32.28 -8.28 -5.79
C ALA A 44 31.76 -9.21 -4.71
N TYR A 45 30.87 -10.13 -5.06
CA TYR A 45 30.25 -11.01 -4.08
C TYR A 45 30.74 -12.43 -4.32
N ALA A 46 31.32 -13.04 -3.28
CA ALA A 46 32.01 -14.30 -3.43
C ALA A 46 31.04 -15.40 -3.85
N GLY A 47 31.47 -16.21 -4.82
CA GLY A 47 30.66 -17.33 -5.29
C GLY A 47 29.64 -16.97 -6.35
N TRP A 48 29.56 -15.72 -6.74
CA TRP A 48 28.67 -15.27 -7.82
C TRP A 48 29.49 -14.83 -9.03
N GLN A 49 30.51 -15.58 -9.38
CA GLN A 49 31.35 -15.24 -10.52
C GLN A 49 30.76 -15.83 -11.78
N GLY A 50 30.77 -15.05 -12.86
CA GLY A 50 30.21 -15.50 -14.10
C GLY A 50 28.70 -15.44 -14.17
N CYS A 51 28.06 -14.73 -13.24
CA CYS A 51 26.61 -14.59 -13.26
C CYS A 51 26.12 -14.08 -14.62
N GLU A 52 25.07 -14.70 -15.12
CA GLU A 52 24.30 -14.08 -16.18
C GLU A 52 23.29 -13.11 -15.55
N VAL A 53 23.12 -11.96 -16.18
CA VAL A 53 22.28 -10.91 -15.61
C VAL A 53 21.35 -10.40 -16.70
N THR A 54 20.06 -10.32 -16.38
CA THR A 54 19.07 -9.66 -17.21
C THR A 54 18.65 -8.39 -16.50
N VAL A 55 18.69 -7.26 -17.21
CA VAL A 55 18.16 -6.00 -16.70
C VAL A 55 16.89 -5.69 -17.45
N LEU A 56 15.81 -5.43 -16.71
CA LEU A 56 14.55 -4.95 -17.27
C LEU A 56 14.35 -3.54 -16.78
N ASP A 57 14.30 -2.57 -17.70
CA ASP A 57 14.17 -1.19 -17.28
C ASP A 57 13.40 -0.43 -18.36
N SER A 58 12.41 0.37 -17.96
CA SER A 58 11.63 1.12 -18.94
C SER A 58 12.29 2.42 -19.40
N LEU A 59 13.44 2.78 -18.83
CA LEU A 59 14.18 3.98 -19.20
C LEU A 59 13.26 5.23 -19.16
N THR A 60 12.71 5.46 -17.97
CA THR A 60 12.12 6.77 -17.65
C THR A 60 13.16 7.88 -17.71
N TYR A 61 12.75 9.10 -17.34
CA TYR A 61 13.70 10.21 -17.26
C TYR A 61 14.97 9.84 -16.49
N ALA A 62 14.86 8.91 -15.52
CA ALA A 62 15.98 8.57 -14.63
C ALA A 62 16.81 7.38 -15.10
N GLY A 63 16.29 6.55 -15.99
CA GLY A 63 17.07 5.44 -16.50
C GLY A 63 18.13 5.89 -17.50
N ASN A 64 19.27 5.20 -17.49
CA ASN A 64 20.43 5.64 -18.26
C ASN A 64 21.26 4.42 -18.64
N LEU A 65 21.24 4.07 -19.94
CA LEU A 65 22.06 2.96 -20.42
C LEU A 65 23.55 3.21 -20.22
N ALA A 66 23.99 4.47 -20.15
CA ALA A 66 25.40 4.74 -19.85
C ALA A 66 25.83 4.10 -18.54
N ASN A 67 24.91 3.91 -17.60
CA ASN A 67 25.23 3.29 -16.31
C ASN A 67 25.70 1.84 -16.44
N LEU A 68 25.52 1.22 -17.61
CA LEU A 68 25.85 -0.18 -17.83
C LEU A 68 26.86 -0.38 -18.96
N ALA A 69 27.46 0.71 -19.43
CA ALA A 69 28.29 0.65 -20.64
C ALA A 69 29.40 -0.37 -20.52
N GLY A 70 29.94 -0.55 -19.32
CA GLY A 70 31.05 -1.44 -19.08
C GLY A 70 30.74 -2.90 -18.87
N VAL A 71 29.47 -3.31 -18.80
CA VAL A 71 29.17 -4.68 -18.44
C VAL A 71 28.21 -5.32 -19.43
N ARG A 72 28.13 -4.77 -20.64
CA ARG A 72 27.12 -5.22 -21.59
C ARG A 72 27.38 -6.61 -22.15
N ASP A 73 28.61 -7.13 -22.00
CA ASP A 73 28.88 -8.49 -22.43
C ASP A 73 28.34 -9.52 -21.44
N ALA A 74 28.05 -9.11 -20.21
CA ALA A 74 27.45 -10.02 -19.25
C ALA A 74 25.98 -9.75 -19.02
N VAL A 75 25.42 -8.69 -19.59
CA VAL A 75 24.06 -8.27 -19.28
C VAL A 75 23.20 -8.34 -20.53
N THR A 76 22.05 -8.99 -20.40
CA THR A 76 20.97 -8.87 -21.38
C THR A 76 20.05 -7.74 -20.93
N PHE A 77 19.79 -6.78 -21.81
CA PHE A 77 18.93 -5.66 -21.48
C PHE A 77 17.60 -5.80 -22.19
N VAL A 78 16.51 -5.67 -21.41
CA VAL A 78 15.15 -5.72 -21.93
C VAL A 78 14.50 -4.39 -21.60
N ARG A 79 14.07 -3.67 -22.64
CA ARG A 79 13.48 -2.34 -22.47
C ARG A 79 11.97 -2.51 -22.27
N GLY A 80 11.53 -2.54 -21.01
CA GLY A 80 10.13 -2.86 -20.76
C GLY A 80 9.73 -2.45 -19.34
N ASP A 81 8.46 -2.71 -19.02
CA ASP A 81 7.80 -2.16 -17.84
C ASP A 81 7.45 -3.28 -16.88
N ILE A 82 7.69 -3.09 -15.58
CA ILE A 82 7.33 -4.16 -14.64
C ILE A 82 5.81 -4.39 -14.60
N CYS A 83 5.01 -3.45 -15.09
CA CYS A 83 3.56 -3.65 -15.17
C CYS A 83 3.12 -4.55 -16.32
N ASP A 84 4.05 -4.92 -17.21
CA ASP A 84 3.77 -5.74 -18.40
C ASP A 84 3.83 -7.21 -17.99
N GLY A 85 2.69 -7.73 -17.50
CA GLY A 85 2.66 -9.10 -17.01
C GLY A 85 3.01 -10.14 -18.08
N ARG A 86 2.56 -9.93 -19.31
CA ARG A 86 2.90 -10.89 -20.36
C ARG A 86 4.40 -10.92 -20.61
N LEU A 87 5.03 -9.74 -20.67
CA LEU A 87 6.47 -9.70 -20.86
C LEU A 87 7.19 -10.42 -19.73
N LEU A 88 6.77 -10.16 -18.49
CA LEU A 88 7.40 -10.83 -17.35
C LEU A 88 7.26 -12.34 -17.44
N ALA A 89 6.06 -12.82 -17.83
CA ALA A 89 5.88 -14.26 -17.95
C ALA A 89 6.86 -14.85 -18.94
N GLU A 90 7.23 -14.08 -19.97
CA GLU A 90 8.18 -14.54 -20.98
C GLU A 90 9.63 -14.50 -20.47
N VAL A 91 10.02 -13.43 -19.77
CA VAL A 91 11.45 -13.24 -19.52
C VAL A 91 11.88 -13.75 -18.15
N LEU A 92 10.97 -13.77 -17.17
CA LEU A 92 11.37 -14.19 -15.82
C LEU A 92 11.83 -15.64 -15.73
N PRO A 93 11.17 -16.63 -16.34
CA PRO A 93 11.56 -18.03 -16.11
C PRO A 93 13.04 -18.26 -16.38
N GLY A 94 13.65 -19.06 -15.51
CA GLY A 94 15.05 -19.35 -15.62
C GLY A 94 15.94 -18.46 -14.77
N HIS A 95 15.37 -17.46 -14.10
CA HIS A 95 16.15 -16.65 -13.18
C HIS A 95 15.93 -17.14 -11.77
N ASP A 96 17.03 -17.27 -11.02
CA ASP A 96 17.00 -17.72 -9.63
C ASP A 96 16.72 -16.60 -8.65
N VAL A 97 17.06 -15.37 -9.02
CA VAL A 97 16.95 -14.23 -8.11
C VAL A 97 16.32 -13.09 -8.88
N VAL A 98 15.27 -12.49 -8.31
CA VAL A 98 14.64 -11.31 -8.86
C VAL A 98 14.80 -10.18 -7.84
N LEU A 99 15.36 -9.06 -8.28
CA LEU A 99 15.48 -7.88 -7.42
C LEU A 99 14.74 -6.73 -8.06
N ASN A 100 13.92 -6.03 -7.28
CA ASN A 100 13.11 -4.94 -7.83
C ASN A 100 13.63 -3.60 -7.34
N PHE A 101 14.42 -2.92 -8.18
CA PHE A 101 14.80 -1.53 -8.02
C PHE A 101 13.94 -0.56 -8.84
N ALA A 102 13.02 -1.05 -9.67
CA ALA A 102 12.23 -0.16 -10.50
C ALA A 102 11.25 0.63 -9.64
N ALA A 103 11.26 1.95 -9.80
CA ALA A 103 10.38 2.83 -9.01
C ALA A 103 10.48 4.25 -9.56
N GLU A 104 9.44 5.06 -9.30
CA GLU A 104 9.59 6.51 -9.31
C GLU A 104 10.14 6.95 -7.97
N THR A 105 11.20 7.76 -7.94
CA THR A 105 11.94 7.93 -6.68
C THR A 105 12.20 9.36 -6.21
N HIS A 106 11.66 10.37 -6.88
CA HIS A 106 11.90 11.75 -6.43
C HIS A 106 10.68 12.25 -5.66
N VAL A 107 10.85 12.48 -4.35
CA VAL A 107 9.75 12.96 -3.50
C VAL A 107 9.11 14.20 -4.09
N ASP A 108 9.93 15.12 -4.62
CA ASP A 108 9.42 16.38 -5.16
C ASP A 108 8.49 16.14 -6.34
N ARG A 109 8.83 15.18 -7.20
CA ARG A 109 7.92 14.82 -8.29
C ARG A 109 6.61 14.24 -7.76
N SER A 110 6.67 13.43 -6.69
CA SER A 110 5.45 12.80 -6.16
C SER A 110 4.48 13.84 -5.60
N ILE A 111 5.01 14.97 -5.11
CA ILE A 111 4.15 16.08 -4.68
C ILE A 111 3.48 16.72 -5.89
N ALA A 112 4.22 16.87 -6.98
CA ALA A 112 3.67 17.48 -8.19
C ALA A 112 2.56 16.62 -8.78
N ASP A 113 2.79 15.31 -8.83
CA ASP A 113 1.80 14.39 -9.43
C ASP A 113 2.17 12.98 -8.98
N SER A 114 1.30 12.38 -8.16
CA SER A 114 1.59 11.08 -7.56
C SER A 114 1.10 9.88 -8.36
N ALA A 115 0.36 10.10 -9.45
CA ALA A 115 -0.30 8.99 -10.15
C ALA A 115 0.71 7.95 -10.64
N GLU A 116 1.81 8.39 -11.24
CA GLU A 116 2.79 7.42 -11.72
C GLU A 116 3.50 6.72 -10.57
N PHE A 117 3.57 7.37 -9.41
CA PHE A 117 4.20 6.71 -8.27
C PHE A 117 3.39 5.50 -7.84
N LEU A 118 2.06 5.62 -7.80
CA LEU A 118 1.24 4.47 -7.45
C LEU A 118 1.29 3.40 -8.51
N ARG A 119 1.26 3.78 -9.79
CA ARG A 119 1.28 2.77 -10.85
C ARG A 119 2.56 1.95 -10.79
N THR A 120 3.71 2.61 -10.69
CA THR A 120 4.95 1.83 -10.69
C THR A 120 5.22 1.20 -9.33
N ASN A 121 5.11 1.99 -8.26
CA ASN A 121 5.57 1.52 -6.96
C ASN A 121 4.57 0.62 -6.24
N VAL A 122 3.33 0.53 -6.70
CA VAL A 122 2.35 -0.38 -6.08
C VAL A 122 1.83 -1.39 -7.11
N GLN A 123 1.18 -0.91 -8.16
CA GLN A 123 0.66 -1.85 -9.16
C GLN A 123 1.79 -2.59 -9.86
N GLY A 124 2.94 -1.93 -10.10
CA GLY A 124 4.05 -2.63 -10.69
C GLY A 124 4.58 -3.75 -9.81
N VAL A 125 4.54 -3.55 -8.48
CA VAL A 125 5.00 -4.58 -7.57
C VAL A 125 4.07 -5.80 -7.62
N GLN A 126 2.74 -5.58 -7.55
CA GLN A 126 1.81 -6.69 -7.71
C GLN A 126 2.04 -7.45 -9.03
N SER A 127 2.22 -6.71 -10.13
CA SER A 127 2.55 -7.35 -11.41
C SER A 127 3.79 -8.23 -11.30
N LEU A 128 4.87 -7.71 -10.72
CA LEU A 128 6.11 -8.48 -10.64
C LEU A 128 5.99 -9.66 -9.68
N MET A 129 5.36 -9.45 -8.52
CA MET A 129 5.19 -10.54 -7.56
C MET A 129 4.34 -11.66 -8.14
N GLN A 130 3.24 -11.32 -8.82
CA GLN A 130 2.41 -12.33 -9.47
C GLN A 130 3.16 -13.07 -10.56
N ALA A 131 3.92 -12.35 -11.39
CA ALA A 131 4.67 -13.04 -12.44
C ALA A 131 5.74 -13.94 -11.83
N CYS A 132 6.36 -13.52 -10.73
CA CYS A 132 7.32 -14.38 -10.03
C CYS A 132 6.66 -15.63 -9.48
N LEU A 133 5.44 -15.49 -8.95
CA LEU A 133 4.71 -16.65 -8.44
C LEU A 133 4.49 -17.68 -9.54
N THR A 134 3.92 -17.24 -10.67
CA THR A 134 3.62 -18.12 -11.79
C THR A 134 4.89 -18.72 -12.39
N ALA A 135 6.01 -17.98 -12.33
CA ALA A 135 7.27 -18.42 -12.92
C ALA A 135 8.09 -19.31 -12.00
N GLY A 136 7.73 -19.44 -10.73
CA GLY A 136 8.52 -20.24 -9.82
C GLY A 136 9.87 -19.65 -9.45
N VAL A 137 9.99 -18.32 -9.40
CA VAL A 137 11.25 -17.68 -9.01
C VAL A 137 11.53 -17.95 -7.53
N PRO A 138 12.69 -18.54 -7.19
CA PRO A 138 12.90 -18.99 -5.80
C PRO A 138 13.41 -17.95 -4.81
N THR A 139 13.97 -16.82 -5.26
CA THR A 139 14.43 -15.78 -4.35
C THR A 139 14.07 -14.42 -4.94
N ILE A 140 13.36 -13.59 -4.17
CA ILE A 140 12.90 -12.29 -4.61
C ILE A 140 13.19 -11.25 -3.52
N VAL A 141 13.67 -10.07 -3.93
CA VAL A 141 13.87 -8.95 -3.01
C VAL A 141 13.14 -7.72 -3.55
N GLN A 142 12.28 -7.13 -2.71
CA GLN A 142 11.66 -5.84 -2.99
C GLN A 142 12.45 -4.77 -2.26
N VAL A 143 13.06 -3.84 -3.00
CA VAL A 143 13.93 -2.82 -2.43
C VAL A 143 13.09 -1.60 -2.04
N SER A 144 13.20 -1.16 -0.78
CA SER A 144 12.34 -0.10 -0.27
C SER A 144 13.16 0.87 0.59
N THR A 145 12.47 1.77 1.29
CA THR A 145 13.11 2.94 1.88
C THR A 145 12.63 3.17 3.31
N ASP A 146 13.50 3.79 4.11
CA ASP A 146 13.10 4.15 5.47
C ASP A 146 12.08 5.28 5.51
N GLU A 147 11.78 5.89 4.36
CA GLU A 147 10.76 6.93 4.31
C GLU A 147 9.35 6.40 4.51
N VAL A 148 9.11 5.08 4.46
CA VAL A 148 7.76 4.58 4.71
C VAL A 148 7.32 4.85 6.15
N TYR A 149 8.27 5.07 7.06
CA TYR A 149 7.95 5.21 8.47
C TYR A 149 7.45 6.61 8.84
N GLY A 150 7.82 7.64 8.08
CA GLY A 150 7.60 8.99 8.54
C GLY A 150 8.70 9.41 9.51
N SER A 151 8.55 10.61 10.07
CA SER A 151 9.64 11.22 10.81
C SER A 151 9.78 10.62 12.21
N ILE A 152 11.02 10.56 12.68
CA ILE A 152 11.35 10.06 14.01
C ILE A 152 12.48 10.91 14.57
N GLU A 153 12.12 11.91 15.37
CA GLU A 153 13.13 12.72 16.06
C GLU A 153 13.65 12.02 17.30
N ALA A 154 12.96 10.99 17.78
CA ALA A 154 13.24 10.34 19.06
C ALA A 154 13.70 8.91 18.83
N GLY A 155 15.02 8.71 18.74
CA GLY A 155 15.57 7.38 18.61
C GLY A 155 15.57 6.85 17.18
N SER A 156 15.62 5.52 17.08
CA SER A 156 15.81 4.82 15.82
C SER A 156 14.69 3.79 15.62
N TRP A 157 14.78 3.00 14.55
CA TRP A 157 13.66 2.16 14.14
C TRP A 157 14.07 0.70 13.93
N SER A 158 13.11 -0.19 14.23
CA SER A 158 13.19 -1.63 14.01
C SER A 158 11.99 -2.09 13.16
N GLU A 159 12.17 -3.22 12.47
CA GLU A 159 11.35 -3.56 11.30
C GLU A 159 9.87 -3.74 11.64
N ASP A 160 9.53 -3.90 12.91
CA ASP A 160 8.13 -3.96 13.31
C ASP A 160 7.44 -2.60 13.27
N ALA A 161 8.19 -1.52 13.10
CA ALA A 161 7.69 -0.18 13.33
C ALA A 161 6.45 0.10 12.49
N PRO A 162 5.50 0.87 13.00
CA PRO A 162 4.32 1.21 12.20
C PRO A 162 4.69 2.11 11.04
N LEU A 163 3.84 2.09 10.04
CA LEU A 163 4.03 2.83 8.80
C LEU A 163 3.21 4.11 8.87
N ALA A 164 3.88 5.26 8.73
CA ALA A 164 3.19 6.56 8.67
C ALA A 164 3.87 7.44 7.62
N PRO A 165 3.85 7.01 6.36
CA PRO A 165 4.51 7.80 5.32
C PRO A 165 3.84 9.15 5.15
N ASN A 166 4.67 10.19 5.01
CA ASN A 166 4.12 11.53 4.86
C ASN A 166 3.90 11.91 3.41
N SER A 167 4.78 11.48 2.49
CA SER A 167 4.68 11.93 1.10
C SER A 167 4.01 10.87 0.24
N PRO A 168 3.50 11.25 -0.94
CA PRO A 168 2.91 10.25 -1.85
C PRO A 168 3.93 9.24 -2.34
N TYR A 169 5.20 9.65 -2.52
CA TYR A 169 6.24 8.69 -2.83
C TYR A 169 6.39 7.68 -1.71
N ALA A 170 6.47 8.14 -0.47
CA ALA A 170 6.67 7.22 0.64
C ALA A 170 5.46 6.29 0.82
N ALA A 171 4.25 6.83 0.61
CA ALA A 171 3.03 6.01 0.72
C ALA A 171 2.95 4.97 -0.40
N ALA A 172 3.34 5.36 -1.62
CA ALA A 172 3.39 4.39 -2.71
C ALA A 172 4.41 3.29 -2.43
N LYS A 173 5.60 3.65 -1.99
CA LYS A 173 6.58 2.62 -1.63
C LYS A 173 6.04 1.71 -0.52
N ALA A 174 5.36 2.29 0.48
CA ALA A 174 4.78 1.48 1.55
C ALA A 174 3.73 0.52 0.99
N GLY A 175 2.88 1.00 0.08
CA GLY A 175 1.90 0.12 -0.53
C GLY A 175 2.54 -1.02 -1.29
N GLY A 176 3.68 -0.75 -1.95
CA GLY A 176 4.41 -1.83 -2.61
C GLY A 176 4.89 -2.88 -1.63
N ASP A 177 5.47 -2.44 -0.51
CA ASP A 177 5.95 -3.37 0.51
C ASP A 177 4.82 -4.26 1.01
N LEU A 178 3.65 -3.68 1.24
CA LEU A 178 2.53 -4.43 1.79
C LEU A 178 2.02 -5.49 0.81
N ILE A 179 1.90 -5.16 -0.47
CA ILE A 179 1.39 -6.21 -1.37
C ILE A 179 2.46 -7.29 -1.54
N ALA A 180 3.74 -6.93 -1.53
CA ALA A 180 4.76 -7.97 -1.57
C ALA A 180 4.69 -8.85 -0.33
N LEU A 181 4.48 -8.25 0.84
CA LEU A 181 4.36 -9.06 2.05
C LEU A 181 3.10 -9.94 2.02
N ALA A 182 2.01 -9.44 1.44
CA ALA A 182 0.80 -10.23 1.33
C ALA A 182 1.02 -11.43 0.40
N TYR A 183 1.82 -11.27 -0.64
CA TYR A 183 2.13 -12.41 -1.50
C TYR A 183 2.95 -13.45 -0.74
N ALA A 184 3.86 -13.01 0.12
CA ALA A 184 4.61 -13.96 0.94
C ALA A 184 3.67 -14.72 1.87
N ARG A 185 2.79 -14.00 2.55
CA ARG A 185 1.93 -14.61 3.56
C ARG A 185 0.80 -15.42 2.94
N THR A 186 0.31 -15.02 1.77
CA THR A 186 -0.81 -15.72 1.15
C THR A 186 -0.33 -16.94 0.36
N TYR A 187 0.72 -16.80 -0.44
CA TYR A 187 1.15 -17.86 -1.34
C TYR A 187 2.46 -18.51 -0.92
N GLY A 188 3.11 -18.03 0.14
CA GLY A 188 4.45 -18.47 0.39
C GLY A 188 5.47 -17.95 -0.61
N LEU A 189 5.16 -16.85 -1.30
CA LEU A 189 6.10 -16.31 -2.26
C LEU A 189 7.40 -15.96 -1.54
N PRO A 190 8.55 -16.40 -2.04
CA PRO A 190 9.82 -16.24 -1.30
C PRO A 190 10.43 -14.86 -1.47
N VAL A 191 9.69 -13.83 -1.05
CA VAL A 191 10.11 -12.44 -1.20
C VAL A 191 10.54 -11.89 0.16
N ARG A 192 11.64 -11.14 0.16
CA ARG A 192 12.09 -10.33 1.29
C ARG A 192 12.02 -8.85 0.93
N ILE A 193 11.86 -8.02 1.95
CA ILE A 193 11.81 -6.57 1.83
C ILE A 193 13.07 -6.00 2.45
N THR A 194 13.69 -5.03 1.79
CA THR A 194 14.77 -4.27 2.43
C THR A 194 14.38 -2.80 2.51
N ARG A 195 14.87 -2.13 3.54
CA ARG A 195 14.61 -0.70 3.72
C ARG A 195 15.89 -0.05 4.22
N CYS A 196 16.29 1.04 3.57
CA CYS A 196 17.53 1.73 3.93
C CYS A 196 17.33 3.24 3.88
N GLY A 197 18.33 3.97 4.36
CA GLY A 197 18.31 5.42 4.28
C GLY A 197 18.82 5.90 2.93
N ASN A 198 18.98 7.22 2.84
CA ASN A 198 19.35 7.88 1.59
C ASN A 198 20.70 7.37 1.07
N ASN A 199 20.75 7.02 -0.20
CA ASN A 199 21.96 6.54 -0.84
C ASN A 199 22.70 7.72 -1.46
N TYR A 200 24.02 7.58 -1.57
CA TYR A 200 24.85 8.48 -2.37
C TYR A 200 25.91 7.65 -3.08
N GLY A 201 26.43 8.19 -4.16
CA GLY A 201 27.48 7.54 -4.91
C GLY A 201 27.50 7.93 -6.37
N PRO A 202 28.36 7.28 -7.14
CA PRO A 202 28.44 7.58 -8.58
C PRO A 202 27.18 7.17 -9.30
N TYR A 203 26.90 7.89 -10.40
CA TYR A 203 25.78 7.63 -11.30
C TYR A 203 24.41 7.96 -10.70
N GLN A 204 24.37 8.80 -9.67
CA GLN A 204 23.08 9.26 -9.17
C GLN A 204 22.60 10.44 -10.00
N PHE A 205 21.33 10.40 -10.40
CA PHE A 205 20.76 11.47 -11.18
C PHE A 205 20.84 12.78 -10.40
N PRO A 206 21.25 13.91 -11.03
CA PRO A 206 21.55 15.12 -10.24
C PRO A 206 20.35 15.95 -9.81
N GLU A 207 19.15 15.37 -9.77
CA GLU A 207 18.05 15.99 -9.03
C GLU A 207 18.14 15.71 -7.54
N LYS A 208 18.93 14.72 -7.14
CA LYS A 208 18.98 14.33 -5.74
C LYS A 208 19.99 15.21 -4.99
N VAL A 209 19.91 15.15 -3.65
CA VAL A 209 20.48 16.18 -2.79
C VAL A 209 21.98 16.33 -3.03
N ILE A 210 22.73 15.25 -2.89
CA ILE A 210 24.18 15.35 -2.95
C ILE A 210 24.65 15.66 -4.37
N PRO A 211 24.17 14.98 -5.41
CA PRO A 211 24.64 15.32 -6.77
C PRO A 211 24.14 16.67 -7.26
N LEU A 212 23.00 17.17 -6.79
CA LEU A 212 22.61 18.53 -7.13
C LEU A 212 23.60 19.54 -6.54
N PHE A 213 23.91 19.39 -5.26
CA PHE A 213 24.92 20.20 -4.59
C PHE A 213 26.24 20.16 -5.33
N LEU A 214 26.77 18.96 -5.54
CA LEU A 214 28.06 18.81 -6.20
C LEU A 214 28.06 19.40 -7.60
N THR A 215 27.05 19.05 -8.43
CA THR A 215 27.07 19.49 -9.82
C THR A 215 26.85 20.99 -9.96
N ARG A 216 26.03 21.60 -9.09
CA ARG A 216 25.91 23.05 -9.17
C ARG A 216 27.19 23.75 -8.72
N LEU A 217 27.84 23.25 -7.68
CA LEU A 217 29.11 23.84 -7.25
C LEU A 217 30.17 23.77 -8.35
N MET A 218 30.17 22.68 -9.11
CA MET A 218 31.14 22.53 -10.20
C MET A 218 30.84 23.44 -11.38
N ASP A 219 29.58 23.86 -11.55
CA ASP A 219 29.25 24.87 -12.54
C ASP A 219 29.29 26.29 -11.99
N GLY A 220 29.93 26.48 -10.82
CA GLY A 220 30.03 27.78 -10.19
C GLY A 220 28.73 28.35 -9.65
N ARG A 221 27.70 27.53 -9.50
CA ARG A 221 26.39 28.02 -9.11
C ARG A 221 26.20 27.86 -7.61
N SER A 222 25.18 28.54 -7.10
CA SER A 222 24.89 28.44 -5.67
C SER A 222 24.11 27.17 -5.38
N VAL A 223 24.21 26.70 -4.14
CA VAL A 223 23.61 25.44 -3.71
C VAL A 223 22.76 25.72 -2.47
N PRO A 224 21.74 24.90 -2.19
CA PRO A 224 20.83 25.22 -1.08
C PRO A 224 21.21 24.58 0.25
N LEU A 225 20.89 25.30 1.32
CA LEU A 225 20.81 24.75 2.67
C LEU A 225 19.36 24.86 3.11
N TYR A 226 18.81 23.75 3.59
CA TYR A 226 17.35 23.62 3.70
C TYR A 226 16.88 24.10 5.07
N GLY A 227 16.32 25.30 5.10
CA GLY A 227 15.73 25.84 6.32
C GLY A 227 16.77 26.13 7.38
N ASP A 228 16.46 25.73 8.61
CA ASP A 228 17.42 25.76 9.71
C ASP A 228 18.58 24.80 9.50
N GLY A 229 18.50 23.92 8.49
CA GLY A 229 19.48 22.87 8.34
C GLY A 229 19.38 21.78 9.40
N ARG A 230 18.25 21.74 10.12
CA ARG A 230 18.09 20.82 11.24
C ARG A 230 17.58 19.45 10.84
N ASN A 231 17.13 19.27 9.61
CA ASN A 231 16.59 17.98 9.18
C ASN A 231 17.68 16.92 9.15
N VAL A 232 17.35 15.71 9.58
CA VAL A 232 18.32 14.64 9.76
C VAL A 232 17.95 13.44 8.88
N ARG A 233 18.96 12.80 8.30
CA ARG A 233 18.79 11.64 7.46
C ARG A 233 19.95 10.67 7.66
N ASP A 234 19.66 9.39 7.48
CA ASP A 234 20.65 8.33 7.52
C ASP A 234 21.24 8.16 6.13
N TRP A 235 22.56 8.30 6.01
CA TRP A 235 23.25 8.26 4.73
C TRP A 235 24.05 6.98 4.60
N ILE A 236 23.91 6.30 3.47
CA ILE A 236 24.61 5.03 3.23
C ILE A 236 25.14 5.04 1.81
N HIS A 237 26.42 4.67 1.65
CA HIS A 237 27.02 4.60 0.32
C HIS A 237 26.42 3.45 -0.46
N VAL A 238 26.23 3.66 -1.78
CA VAL A 238 25.47 2.70 -2.57
C VAL A 238 26.09 1.31 -2.49
N ALA A 239 27.41 1.21 -2.37
CA ALA A 239 28.05 -0.10 -2.29
C ALA A 239 27.69 -0.84 -1.01
N ASP A 240 27.55 -0.10 0.11
CA ASP A 240 27.10 -0.73 1.35
C ASP A 240 25.65 -1.19 1.23
N HIS A 241 24.78 -0.35 0.67
CA HIS A 241 23.40 -0.78 0.43
C HIS A 241 23.35 -2.08 -0.36
N CYS A 242 24.16 -2.16 -1.43
CA CYS A 242 24.11 -3.34 -2.29
C CYS A 242 24.65 -4.58 -1.60
N ARG A 243 25.72 -4.43 -0.82
CA ARG A 243 26.21 -5.56 -0.03
C ARG A 243 25.18 -6.00 0.99
N GLY A 244 24.46 -5.05 1.59
CA GLY A 244 23.37 -5.41 2.47
C GLY A 244 22.26 -6.17 1.76
N ILE A 245 21.91 -5.74 0.54
CA ILE A 245 20.89 -6.44 -0.22
C ILE A 245 21.34 -7.86 -0.52
N GLN A 246 22.61 -8.03 -0.91
CA GLN A 246 23.12 -9.35 -1.25
C GLN A 246 23.11 -10.28 -0.06
N THR A 247 23.26 -9.73 1.14
CA THR A 247 23.15 -10.53 2.36
C THR A 247 21.73 -11.05 2.53
N VAL A 248 20.75 -10.20 2.25
CA VAL A 248 19.36 -10.63 2.29
C VAL A 248 19.10 -11.71 1.24
N VAL A 249 19.66 -11.53 0.03
CA VAL A 249 19.56 -12.55 -1.01
C VAL A 249 20.09 -13.89 -0.49
N GLU A 250 21.26 -13.88 0.16
CA GLU A 250 21.94 -15.10 0.55
C GLU A 250 21.44 -15.68 1.87
N ARG A 251 21.00 -14.83 2.81
CA ARG A 251 20.74 -15.30 4.17
C ARG A 251 19.38 -14.92 4.72
N GLY A 252 18.57 -14.17 3.98
CA GLY A 252 17.31 -13.69 4.52
C GLY A 252 16.20 -14.72 4.42
N ALA A 253 15.16 -14.47 5.20
CA ALA A 253 13.99 -15.35 5.27
C ALA A 253 12.82 -14.72 4.53
N SER A 254 12.10 -15.55 3.77
CA SER A 254 10.91 -15.06 3.08
C SER A 254 9.93 -14.46 4.06
N GLY A 255 9.24 -13.41 3.62
CA GLY A 255 8.25 -12.72 4.44
C GLY A 255 8.79 -11.72 5.44
N GLU A 256 10.10 -11.54 5.53
CA GLU A 256 10.69 -10.63 6.50
C GLU A 256 11.16 -9.33 5.85
N VAL A 257 11.11 -8.24 6.63
CA VAL A 257 11.71 -6.95 6.30
C VAL A 257 13.07 -6.86 6.97
N TYR A 258 14.05 -6.28 6.27
CA TYR A 258 15.40 -6.06 6.80
C TYR A 258 15.81 -4.61 6.65
N HIS A 259 16.21 -3.98 7.76
CA HIS A 259 16.82 -2.66 7.74
C HIS A 259 18.28 -2.74 7.32
N ILE A 260 18.72 -1.77 6.53
CA ILE A 260 20.12 -1.66 6.10
C ILE A 260 20.59 -0.27 6.46
N ALA A 261 21.43 -0.16 7.49
CA ALA A 261 21.87 1.13 8.00
C ALA A 261 23.22 1.53 7.42
N GLY A 262 23.41 2.83 7.26
CA GLY A 262 24.69 3.39 6.90
C GLY A 262 25.47 3.87 8.11
N THR A 263 26.52 4.65 7.85
CA THR A 263 27.49 5.05 8.85
C THR A 263 27.47 6.55 9.13
N ALA A 264 26.35 7.22 8.88
CA ALA A 264 26.29 8.67 9.13
C ALA A 264 24.84 9.11 9.19
N GLU A 265 24.40 9.53 10.37
CA GLU A 265 23.15 10.26 10.53
C GLU A 265 23.51 11.72 10.71
N LEU A 266 23.02 12.58 9.82
CA LEU A 266 23.48 13.96 9.76
C LEU A 266 22.31 14.92 9.67
N THR A 267 22.42 16.03 10.39
CA THR A 267 21.64 17.20 10.03
C THR A 267 22.05 17.67 8.65
N ASN A 268 21.12 18.32 7.94
CA ASN A 268 21.50 18.97 6.69
C ASN A 268 22.66 19.93 6.89
N LEU A 269 22.71 20.58 8.07
CA LEU A 269 23.86 21.43 8.40
C LEU A 269 25.15 20.62 8.35
N GLU A 270 25.20 19.50 9.08
CA GLU A 270 26.37 18.63 9.07
C GLU A 270 26.69 18.17 7.65
N LEU A 271 25.67 17.74 6.90
CA LEU A 271 25.88 17.27 5.54
C LEU A 271 26.50 18.35 4.67
N THR A 272 26.03 19.60 4.80
CA THR A 272 26.56 20.69 4.00
C THR A 272 28.05 20.92 4.31
N GLN A 273 28.43 20.85 5.60
CA GLN A 273 29.84 21.03 5.95
C GLN A 273 30.70 19.94 5.30
N HIS A 274 30.24 18.69 5.40
CA HIS A 274 31.00 17.59 4.80
C HIS A 274 31.13 17.79 3.30
N LEU A 275 30.05 18.19 2.63
CA LEU A 275 30.11 18.39 1.18
C LEU A 275 31.11 19.48 0.82
N LEU A 276 31.06 20.61 1.55
CA LEU A 276 32.01 21.70 1.29
C LEU A 276 33.44 21.27 1.58
N ASP A 277 33.67 20.52 2.67
CA ASP A 277 35.00 19.99 2.91
C ASP A 277 35.43 19.09 1.75
N ALA A 278 34.52 18.20 1.33
CA ALA A 278 34.87 17.22 0.29
C ALA A 278 35.19 17.88 -1.05
N VAL A 279 34.54 19.00 -1.39
CA VAL A 279 34.82 19.67 -2.65
C VAL A 279 35.77 20.84 -2.50
N GLY A 280 36.28 21.09 -1.29
CA GLY A 280 37.11 22.27 -1.09
C GLY A 280 36.38 23.57 -1.37
N GLY A 281 35.07 23.61 -1.11
CA GLY A 281 34.30 24.82 -1.33
C GLY A 281 34.22 25.68 -0.08
N SER A 282 33.57 26.83 -0.23
CA SER A 282 33.39 27.75 0.87
C SER A 282 31.90 28.07 1.04
N TRP A 283 31.55 28.44 2.27
CA TRP A 283 30.16 28.76 2.59
C TRP A 283 29.60 29.93 1.77
N ASP A 284 30.46 30.69 1.07
CA ASP A 284 29.95 31.78 0.24
C ASP A 284 28.95 31.28 -0.80
N ALA A 285 29.07 30.03 -1.24
CA ALA A 285 28.19 29.52 -2.29
C ALA A 285 26.85 29.02 -1.77
N VAL A 286 26.66 28.95 -0.46
CA VAL A 286 25.50 28.30 0.12
C VAL A 286 24.41 29.33 0.37
N GLU A 287 23.21 29.05 -0.15
CA GLU A 287 22.03 29.89 0.03
C GLU A 287 21.04 29.16 0.90
N ARG A 288 20.57 29.81 1.94
CA ARG A 288 19.52 29.23 2.76
C ARG A 288 18.17 29.46 2.10
N VAL A 289 17.39 28.39 1.96
CA VAL A 289 16.06 28.50 1.37
C VAL A 289 15.06 27.94 2.38
N PRO A 290 13.77 28.24 2.21
CA PRO A 290 12.76 27.70 3.14
C PRO A 290 12.69 26.19 3.13
N ASP A 291 11.93 25.66 4.09
CA ASP A 291 11.79 24.21 4.29
C ASP A 291 10.80 23.58 3.31
N HIS A 295 10.12 18.98 4.60
CA HIS A 295 9.45 17.69 4.78
C HIS A 295 9.74 17.10 6.15
N ASP A 296 9.83 15.78 6.22
CA ASP A 296 10.00 15.09 7.50
C ASP A 296 11.31 15.50 8.17
N ARG A 297 11.36 15.30 9.50
CA ARG A 297 12.46 15.86 10.28
C ARG A 297 13.66 14.91 10.38
N ARG A 298 13.42 13.62 10.64
CA ARG A 298 14.54 12.73 10.97
C ARG A 298 14.17 11.28 10.66
N TYR A 299 15.12 10.58 10.03
CA TYR A 299 15.03 9.14 9.74
C TYR A 299 16.19 8.43 10.42
N SER A 300 15.90 7.32 11.11
CA SER A 300 16.91 6.63 11.89
C SER A 300 16.68 5.13 11.84
N LEU A 301 17.75 4.36 11.56
CA LEU A 301 17.63 2.94 11.25
C LEU A 301 18.49 2.10 12.19
N SER A 302 17.85 1.13 12.85
CA SER A 302 18.54 0.08 13.59
C SER A 302 18.54 -1.20 12.76
N ASP A 303 19.73 -1.73 12.49
CA ASP A 303 19.82 -2.95 11.68
C ASP A 303 20.27 -4.15 12.51
N ALA A 304 19.65 -4.34 13.66
CA ALA A 304 19.97 -5.51 14.48
C ALA A 304 19.65 -6.82 13.75
N LYS A 305 18.52 -6.86 13.01
CA LYS A 305 18.10 -8.10 12.38
C LYS A 305 19.08 -8.54 11.31
N LEU A 306 19.57 -7.61 10.49
CA LEU A 306 20.46 -7.97 9.39
C LEU A 306 21.91 -8.10 9.84
N ARG A 307 22.34 -7.28 10.81
CA ARG A 307 23.68 -7.45 11.35
C ARG A 307 23.83 -8.82 11.99
N ALA A 308 22.77 -9.31 12.63
CA ALA A 308 22.77 -10.67 13.12
C ALA A 308 22.93 -11.70 12.01
N LEU A 309 22.91 -11.28 10.74
CA LEU A 309 23.18 -12.16 9.61
C LEU A 309 24.56 -11.97 9.01
N GLY A 310 25.38 -11.11 9.59
CA GLY A 310 26.75 -10.94 9.12
C GLY A 310 27.03 -9.66 8.36
N TYR A 311 26.03 -8.82 8.12
CA TYR A 311 26.23 -7.56 7.40
C TYR A 311 26.67 -6.46 8.34
N ALA A 312 27.67 -5.70 7.92
CA ALA A 312 28.08 -4.48 8.58
C ALA A 312 28.45 -3.49 7.49
N PRO A 313 28.02 -2.23 7.60
CA PRO A 313 28.43 -1.23 6.60
C PRO A 313 29.93 -0.95 6.72
N ARG A 314 30.56 -0.74 5.56
CA ARG A 314 32.01 -0.71 5.50
C ARG A 314 32.60 0.57 4.91
N VAL A 315 31.78 1.48 4.37
CA VAL A 315 32.28 2.69 3.73
C VAL A 315 32.11 3.83 4.72
N PRO A 316 33.19 4.38 5.28
CA PRO A 316 33.04 5.53 6.18
C PRO A 316 32.67 6.77 5.38
N PHE A 317 31.77 7.58 5.95
CA PHE A 317 31.11 8.61 5.17
C PHE A 317 32.09 9.58 4.53
N ALA A 318 33.09 10.04 5.28
CA ALA A 318 34.08 10.95 4.70
C ALA A 318 34.78 10.32 3.50
N ASP A 319 35.06 9.01 3.57
CA ASP A 319 35.73 8.35 2.45
C ASP A 319 34.82 8.21 1.23
N GLY A 320 33.60 7.71 1.44
CA GLY A 320 32.68 7.53 0.32
C GLY A 320 32.36 8.84 -0.36
N LEU A 321 32.22 9.91 0.42
CA LEU A 321 31.93 11.22 -0.14
C LEU A 321 33.07 11.71 -1.00
N ALA A 322 34.31 11.53 -0.52
CA ALA A 322 35.48 11.89 -1.30
C ALA A 322 35.51 11.15 -2.63
N GLU A 323 35.19 9.85 -2.62
CA GLU A 323 35.14 9.11 -3.88
C GLU A 323 34.02 9.64 -4.78
N THR A 324 32.86 9.94 -4.20
CA THR A 324 31.74 10.42 -5.01
C THR A 324 32.07 11.76 -5.67
N VAL A 325 32.69 12.69 -4.92
CA VAL A 325 33.14 13.94 -5.51
C VAL A 325 34.10 13.68 -6.66
N ALA A 326 35.07 12.80 -6.44
CA ALA A 326 35.97 12.43 -7.53
C ALA A 326 35.16 12.00 -8.75
N TRP A 327 34.14 11.17 -8.55
CA TRP A 327 33.38 10.66 -9.68
C TRP A 327 32.67 11.77 -10.45
N TYR A 328 31.96 12.66 -9.75
CA TYR A 328 31.24 13.70 -10.48
C TYR A 328 32.21 14.66 -11.14
N ARG A 329 33.32 14.96 -10.47
CA ARG A 329 34.30 15.84 -11.10
C ARG A 329 34.78 15.24 -12.43
N ALA A 330 35.01 13.93 -12.47
CA ALA A 330 35.54 13.30 -13.67
C ALA A 330 34.48 12.91 -14.68
N ASN A 331 33.18 13.10 -14.39
CA ASN A 331 32.14 12.58 -15.28
C ASN A 331 31.20 13.67 -15.77
N ARG A 332 31.73 14.84 -16.11
CA ARG A 332 30.89 15.90 -16.65
C ARG A 332 30.15 15.47 -17.91
N HIS A 333 30.76 14.61 -18.72
CA HIS A 333 30.09 14.12 -19.92
C HIS A 333 28.83 13.34 -19.59
N TRP A 334 28.76 12.75 -18.39
CA TRP A 334 27.58 11.99 -18.00
C TRP A 334 26.48 12.90 -17.45
N TRP A 335 26.82 13.86 -16.59
CA TRP A 335 25.79 14.62 -15.88
C TRP A 335 25.43 15.95 -16.52
N GLU A 336 26.29 16.55 -17.35
CA GLU A 336 25.91 17.80 -17.98
C GLU A 336 24.68 17.68 -18.88
N PRO A 337 24.48 16.62 -19.68
CA PRO A 337 23.19 16.51 -20.39
C PRO A 337 22.01 16.38 -19.43
N LEU A 338 22.20 15.68 -18.32
CA LEU A 338 21.12 15.55 -17.34
C LEU A 338 20.86 16.88 -16.65
N ARG A 339 21.90 17.71 -16.45
CA ARG A 339 21.71 19.02 -15.83
C ARG A 339 20.88 19.92 -16.72
N LYS A 340 20.88 19.69 -18.04
CA LYS A 340 20.07 20.47 -18.96
C LYS A 340 18.58 20.18 -18.78
N GLN A 341 18.19 19.79 -17.56
CA GLN A 341 16.78 19.75 -17.17
C GLN A 341 16.24 21.15 -16.87
N LEU A 342 17.12 22.11 -16.61
CA LEU A 342 16.73 23.49 -16.32
C LEU A 342 16.14 24.16 -17.55
N VAL B 20 -29.49 22.63 2.10
CA VAL B 20 -29.35 21.31 2.70
C VAL B 20 -28.00 20.68 2.30
N PRO B 21 -27.42 19.88 3.20
CA PRO B 21 -26.12 19.27 2.89
C PRO B 21 -26.24 18.26 1.76
N ARG B 22 -25.18 18.18 0.97
CA ARG B 22 -25.16 17.36 -0.24
C ARG B 22 -24.05 16.33 -0.11
N VAL B 23 -24.45 15.05 -0.12
CA VAL B 23 -23.56 13.95 0.22
C VAL B 23 -23.28 13.13 -1.03
N PHE B 24 -22.00 12.85 -1.27
CA PHE B 24 -21.53 12.07 -2.40
C PHE B 24 -21.09 10.70 -1.88
N VAL B 25 -21.70 9.63 -2.40
CA VAL B 25 -21.45 8.28 -1.90
C VAL B 25 -20.93 7.41 -3.04
N ALA B 26 -19.62 7.26 -3.12
CA ALA B 26 -19.01 6.29 -4.03
C ALA B 26 -19.18 4.87 -3.51
N GLY B 27 -19.54 3.95 -4.40
CA GLY B 27 -19.84 2.59 -4.00
C GLY B 27 -21.20 2.42 -3.33
N GLY B 28 -22.10 3.39 -3.49
CA GLY B 28 -23.39 3.41 -2.82
C GLY B 28 -24.42 2.45 -3.35
N ALA B 29 -24.12 1.67 -4.39
CA ALA B 29 -25.01 0.61 -4.84
C ALA B 29 -24.63 -0.76 -4.30
N GLY B 30 -23.59 -0.85 -3.48
CA GLY B 30 -23.19 -2.09 -2.85
C GLY B 30 -23.88 -2.28 -1.50
N PHE B 31 -23.34 -3.23 -0.73
CA PHE B 31 -24.00 -3.65 0.53
C PHE B 31 -24.00 -2.54 1.59
N ILE B 32 -22.82 -2.12 2.04
CA ILE B 32 -22.75 -1.14 3.13
C ILE B 32 -23.14 0.24 2.63
N GLY B 33 -22.64 0.62 1.45
CA GLY B 33 -22.98 1.92 0.89
C GLY B 33 -24.47 2.14 0.73
N SER B 34 -25.18 1.15 0.18
CA SER B 34 -26.63 1.32 0.02
C SER B 34 -27.33 1.45 1.36
N HIS B 35 -26.86 0.74 2.39
CA HIS B 35 -27.46 0.90 3.71
C HIS B 35 -27.27 2.33 4.22
N TYR B 36 -26.05 2.85 4.12
CA TYR B 36 -25.80 4.23 4.48
C TYR B 36 -26.77 5.17 3.77
N VAL B 37 -26.92 4.98 2.46
CA VAL B 37 -27.81 5.84 1.67
C VAL B 37 -29.25 5.71 2.13
N ARG B 38 -29.73 4.48 2.31
CA ARG B 38 -31.12 4.31 2.72
C ARG B 38 -31.37 4.92 4.10
N GLU B 39 -30.42 4.77 5.03
CA GLU B 39 -30.57 5.36 6.35
C GLU B 39 -30.59 6.88 6.27
N LEU B 40 -29.62 7.46 5.56
CA LEU B 40 -29.56 8.91 5.40
C LEU B 40 -30.84 9.45 4.77
N VAL B 41 -31.34 8.78 3.72
CA VAL B 41 -32.54 9.24 3.05
C VAL B 41 -33.76 9.06 3.93
N ALA B 42 -33.77 8.04 4.78
CA ALA B 42 -34.88 7.80 5.69
C ALA B 42 -34.89 8.75 6.89
N GLY B 43 -33.81 9.49 7.13
CA GLY B 43 -33.73 10.38 8.27
C GLY B 43 -33.26 9.75 9.55
N ALA B 44 -32.49 8.66 9.48
CA ALA B 44 -32.02 7.99 10.69
C ALA B 44 -30.91 8.77 11.39
N TYR B 45 -30.27 9.73 10.74
CA TYR B 45 -29.20 10.51 11.34
C TYR B 45 -29.76 11.91 11.61
N ALA B 46 -30.01 12.19 12.89
CA ALA B 46 -30.71 13.41 13.27
C ALA B 46 -29.95 14.63 12.78
N GLY B 47 -30.67 15.57 12.18
CA GLY B 47 -30.07 16.75 11.58
C GLY B 47 -30.02 16.62 10.07
N TRP B 48 -29.47 15.51 9.59
CA TRP B 48 -29.26 15.28 8.16
C TRP B 48 -30.56 14.80 7.53
N GLN B 49 -31.49 15.75 7.39
CA GLN B 49 -32.83 15.48 6.90
C GLN B 49 -32.99 16.01 5.48
N GLY B 50 -33.59 15.19 4.62
CA GLY B 50 -33.85 15.58 3.24
C GLY B 50 -32.62 16.02 2.51
N CYS B 51 -31.47 15.42 2.85
CA CYS B 51 -30.21 15.71 2.18
C CYS B 51 -30.30 15.43 0.69
N GLU B 52 -29.51 16.16 -0.08
CA GLU B 52 -29.29 15.78 -1.45
C GLU B 52 -28.22 14.69 -1.48
N VAL B 53 -28.46 13.62 -2.23
CA VAL B 53 -27.59 12.46 -2.21
C VAL B 53 -27.26 12.08 -3.64
N THR B 54 -25.97 11.93 -3.93
CA THR B 54 -25.49 11.43 -5.20
C THR B 54 -24.78 10.11 -4.97
N VAL B 55 -25.16 9.09 -5.73
CA VAL B 55 -24.50 7.81 -5.70
C VAL B 55 -23.69 7.67 -6.98
N LEU B 56 -22.38 7.44 -6.83
CA LEU B 56 -21.52 7.07 -7.94
C LEU B 56 -21.06 5.65 -7.73
N ASP B 57 -21.30 4.79 -8.72
CA ASP B 57 -20.99 3.37 -8.58
C ASP B 57 -20.79 2.80 -9.98
N SER B 58 -19.71 2.03 -10.17
CA SER B 58 -19.45 1.46 -11.49
C SER B 58 -20.27 0.20 -11.77
N LEU B 59 -21.07 -0.27 -10.81
CA LEU B 59 -21.89 -1.47 -10.94
C LEU B 59 -21.08 -2.66 -11.46
N THR B 60 -20.10 -3.07 -10.66
CA THR B 60 -19.42 -4.35 -10.86
C THR B 60 -20.42 -5.48 -10.60
N TYR B 61 -19.92 -6.72 -10.61
CA TYR B 61 -20.74 -7.86 -10.22
C TYR B 61 -21.47 -7.61 -8.88
N ALA B 62 -20.87 -6.81 -8.01
CA ALA B 62 -21.43 -6.61 -6.67
C ALA B 62 -22.37 -5.43 -6.56
N GLY B 63 -22.35 -4.52 -7.54
CA GLY B 63 -23.28 -3.39 -7.51
C GLY B 63 -24.69 -3.88 -7.87
N ASN B 64 -25.68 -3.34 -7.18
CA ASN B 64 -27.05 -3.81 -7.37
C ASN B 64 -28.00 -2.64 -7.18
N LEU B 65 -28.64 -2.22 -8.28
CA LEU B 65 -29.53 -1.06 -8.19
C LEU B 65 -30.79 -1.35 -7.39
N ALA B 66 -31.18 -2.62 -7.26
CA ALA B 66 -32.32 -2.94 -6.41
C ALA B 66 -32.07 -2.54 -4.96
N ASN B 67 -30.80 -2.47 -4.55
CA ASN B 67 -30.47 -1.97 -3.22
C ASN B 67 -30.96 -0.54 -3.00
N LEU B 68 -31.18 0.23 -4.06
CA LEU B 68 -31.58 1.62 -3.92
C LEU B 68 -33.01 1.86 -4.40
N ALA B 69 -33.73 0.81 -4.80
CA ALA B 69 -35.02 0.99 -5.45
C ALA B 69 -36.03 1.70 -4.54
N GLY B 70 -35.90 1.54 -3.23
CA GLY B 70 -36.81 2.21 -2.32
C GLY B 70 -36.54 3.68 -2.10
N VAL B 71 -35.42 4.20 -2.62
CA VAL B 71 -35.11 5.62 -2.50
C VAL B 71 -34.83 6.14 -3.89
N ARG B 72 -35.34 5.43 -4.90
CA ARG B 72 -35.02 5.73 -6.31
C ARG B 72 -35.23 7.20 -6.64
N ASP B 73 -36.34 7.78 -6.19
CA ASP B 73 -36.68 9.15 -6.54
C ASP B 73 -36.13 10.16 -5.55
N ALA B 74 -35.28 9.74 -4.61
CA ALA B 74 -34.66 10.63 -3.65
C ALA B 74 -33.18 10.83 -3.90
N VAL B 75 -32.59 10.09 -4.83
CA VAL B 75 -31.14 10.02 -5.01
C VAL B 75 -30.82 10.22 -6.48
N THR B 76 -29.69 10.87 -6.75
CA THR B 76 -29.17 11.01 -8.11
C THR B 76 -28.10 9.97 -8.34
N PHE B 77 -28.31 9.06 -9.29
CA PHE B 77 -27.39 7.96 -9.57
C PHE B 77 -26.53 8.28 -10.78
N VAL B 78 -25.21 8.16 -10.62
CA VAL B 78 -24.25 8.30 -11.71
C VAL B 78 -23.44 7.02 -11.80
N ARG B 79 -23.52 6.33 -12.94
CA ARG B 79 -22.67 5.17 -13.12
C ARG B 79 -21.28 5.63 -13.50
N GLY B 80 -20.27 5.18 -12.76
CA GLY B 80 -18.92 5.65 -13.02
C GLY B 80 -17.92 5.00 -12.09
N ASP B 81 -16.66 5.10 -12.51
CA ASP B 81 -15.50 4.49 -11.86
C ASP B 81 -14.74 5.57 -11.11
N ILE B 82 -14.38 5.28 -9.85
CA ILE B 82 -13.64 6.28 -9.08
C ILE B 82 -12.26 6.54 -9.67
N CYS B 83 -11.78 5.69 -10.59
CA CYS B 83 -10.54 5.99 -11.30
C CYS B 83 -10.73 7.03 -12.41
N ASP B 84 -11.97 7.34 -12.76
CA ASP B 84 -12.28 8.22 -13.89
C ASP B 84 -12.19 9.66 -13.38
N GLY B 85 -10.96 10.19 -13.36
CA GLY B 85 -10.74 11.52 -12.82
C GLY B 85 -11.50 12.61 -13.55
N ARG B 86 -11.67 12.45 -14.86
CA ARG B 86 -12.44 13.41 -15.65
C ARG B 86 -13.89 13.47 -15.20
N LEU B 87 -14.53 12.31 -15.01
CA LEU B 87 -15.90 12.27 -14.54
C LEU B 87 -16.02 12.85 -13.13
N LEU B 88 -15.09 12.51 -12.25
CA LEU B 88 -15.13 13.03 -10.88
C LEU B 88 -15.04 14.55 -10.86
N ALA B 89 -14.24 15.14 -11.76
CA ALA B 89 -14.10 16.58 -11.81
C ALA B 89 -15.43 17.26 -12.11
N GLU B 90 -16.24 16.65 -12.98
CA GLU B 90 -17.55 17.22 -13.28
C GLU B 90 -18.53 17.03 -12.14
N VAL B 91 -18.50 15.85 -11.50
CA VAL B 91 -19.59 15.45 -10.62
C VAL B 91 -19.37 15.86 -9.16
N LEU B 92 -18.11 15.96 -8.71
CA LEU B 92 -17.84 16.20 -7.30
C LEU B 92 -18.23 17.61 -6.84
N PRO B 93 -17.89 18.70 -7.55
CA PRO B 93 -18.11 20.04 -6.99
C PRO B 93 -19.54 20.27 -6.55
N GLY B 94 -19.68 20.97 -5.42
CA GLY B 94 -20.98 21.20 -4.83
C GLY B 94 -21.38 20.22 -3.74
N HIS B 95 -20.60 19.18 -3.52
CA HIS B 95 -20.87 18.21 -2.47
C HIS B 95 -20.11 18.55 -1.20
N ASP B 96 -20.83 18.52 -0.08
CA ASP B 96 -20.24 18.81 1.22
C ASP B 96 -19.47 17.62 1.78
N VAL B 97 -19.85 16.40 1.43
CA VAL B 97 -19.30 15.19 2.05
C VAL B 97 -19.08 14.14 0.96
N VAL B 98 -17.90 13.51 0.97
CA VAL B 98 -17.61 12.37 0.10
C VAL B 98 -17.32 11.17 0.98
N LEU B 99 -18.03 10.07 0.74
CA LEU B 99 -17.79 8.81 1.42
C LEU B 99 -17.44 7.77 0.36
N ASN B 100 -16.33 7.08 0.55
CA ASN B 100 -15.87 6.08 -0.42
C ASN B 100 -16.11 4.68 0.11
N PHE B 101 -17.22 4.07 -0.32
CA PHE B 101 -17.48 2.64 -0.13
C PHE B 101 -17.06 1.81 -1.35
N ALA B 102 -16.57 2.45 -2.41
CA ALA B 102 -16.22 1.74 -3.64
C ALA B 102 -14.95 0.92 -3.44
N ALA B 103 -15.04 -0.40 -3.63
CA ALA B 103 -13.87 -1.27 -3.48
C ALA B 103 -14.20 -2.62 -4.08
N GLU B 104 -13.16 -3.38 -4.42
CA GLU B 104 -13.28 -4.82 -4.55
C GLU B 104 -13.13 -5.44 -3.17
N THR B 105 -14.08 -6.28 -2.74
CA THR B 105 -14.17 -6.63 -1.32
C THR B 105 -14.14 -8.11 -0.98
N HIS B 106 -14.03 -9.02 -1.95
CA HIS B 106 -14.06 -10.44 -1.65
C HIS B 106 -12.65 -11.03 -1.60
N VAL B 107 -12.20 -11.41 -0.40
CA VAL B 107 -10.83 -11.90 -0.22
C VAL B 107 -10.53 -13.05 -1.15
N ASP B 108 -11.47 -13.99 -1.30
CA ASP B 108 -11.24 -15.16 -2.16
C ASP B 108 -10.98 -14.73 -3.60
N ARG B 109 -11.70 -13.70 -4.08
CA ARG B 109 -11.40 -13.18 -5.41
C ARG B 109 -9.99 -12.58 -5.47
N SER B 110 -9.56 -11.86 -4.42
CA SER B 110 -8.22 -11.29 -4.41
C SER B 110 -7.14 -12.37 -4.43
N ILE B 111 -7.43 -13.55 -3.88
CA ILE B 111 -6.48 -14.65 -3.94
C ILE B 111 -6.34 -15.16 -5.37
N ALA B 112 -7.47 -15.27 -6.09
CA ALA B 112 -7.43 -15.78 -7.46
C ALA B 112 -6.71 -14.82 -8.39
N ASP B 113 -7.03 -13.52 -8.31
CA ASP B 113 -6.32 -12.50 -9.09
C ASP B 113 -6.49 -11.16 -8.41
N SER B 114 -5.38 -10.55 -7.97
CA SER B 114 -5.46 -9.32 -7.19
C SER B 114 -5.42 -8.05 -8.04
N ALA B 115 -5.27 -8.15 -9.37
CA ALA B 115 -5.01 -6.97 -10.18
C ALA B 115 -6.08 -5.90 -10.01
N GLU B 116 -7.36 -6.29 -10.07
CA GLU B 116 -8.43 -5.31 -9.94
C GLU B 116 -8.53 -4.74 -8.53
N PHE B 117 -8.12 -5.50 -7.52
CA PHE B 117 -8.09 -4.97 -6.15
C PHE B 117 -7.11 -3.81 -6.03
N LEU B 118 -5.91 -3.95 -6.63
CA LEU B 118 -4.98 -2.83 -6.59
C LEU B 118 -5.51 -1.63 -7.37
N ARG B 119 -6.16 -1.88 -8.51
CA ARG B 119 -6.66 -0.78 -9.33
C ARG B 119 -7.73 0.03 -8.59
N THR B 120 -8.77 -0.63 -8.09
CA THR B 120 -9.83 0.11 -7.44
C THR B 120 -9.46 0.56 -6.03
N ASN B 121 -8.81 -0.29 -5.24
CA ASN B 121 -8.60 0.00 -3.83
C ASN B 121 -7.37 0.86 -3.55
N VAL B 122 -6.44 0.99 -4.51
CA VAL B 122 -5.28 1.89 -4.36
C VAL B 122 -5.32 3.02 -5.38
N GLN B 123 -5.28 2.70 -6.67
CA GLN B 123 -5.32 3.75 -7.68
C GLN B 123 -6.64 4.51 -7.63
N GLY B 124 -7.75 3.81 -7.41
CA GLY B 124 -9.03 4.49 -7.32
C GLY B 124 -9.09 5.44 -6.14
N VAL B 125 -8.41 5.10 -5.04
CA VAL B 125 -8.37 5.99 -3.88
C VAL B 125 -7.59 7.25 -4.23
N GLN B 126 -6.43 7.08 -4.88
CA GLN B 126 -5.64 8.24 -5.27
C GLN B 126 -6.44 9.15 -6.21
N SER B 127 -7.10 8.54 -7.20
CA SER B 127 -7.90 9.29 -8.15
C SER B 127 -8.99 10.08 -7.44
N LEU B 128 -9.70 9.43 -6.51
CA LEU B 128 -10.77 10.12 -5.78
C LEU B 128 -10.24 11.25 -4.90
N MET B 129 -9.14 10.98 -4.17
CA MET B 129 -8.58 11.98 -3.27
C MET B 129 -8.04 13.19 -4.03
N GLN B 130 -7.40 12.94 -5.17
CA GLN B 130 -6.95 14.04 -6.02
C GLN B 130 -8.13 14.86 -6.52
N ALA B 131 -9.20 14.18 -6.97
CA ALA B 131 -10.38 14.90 -7.44
C ALA B 131 -11.07 15.65 -6.30
N CYS B 132 -11.03 15.10 -5.08
CA CYS B 132 -11.59 15.83 -3.95
C CYS B 132 -10.75 17.07 -3.62
N LEU B 133 -9.43 16.94 -3.66
CA LEU B 133 -8.56 18.09 -3.42
C LEU B 133 -8.87 19.22 -4.40
N THR B 134 -8.90 18.90 -5.70
CA THR B 134 -9.15 19.93 -6.72
C THR B 134 -10.57 20.50 -6.60
N ALA B 135 -11.54 19.66 -6.27
CA ALA B 135 -12.90 20.14 -6.13
C ALA B 135 -13.17 20.81 -4.78
N GLY B 136 -12.25 20.71 -3.82
CA GLY B 136 -12.41 21.40 -2.56
C GLY B 136 -13.44 20.80 -1.62
N VAL B 137 -13.64 19.49 -1.65
CA VAL B 137 -14.62 18.86 -0.76
C VAL B 137 -14.18 19.04 0.68
N PRO B 138 -15.05 19.52 1.58
CA PRO B 138 -14.60 19.81 2.95
C PRO B 138 -14.52 18.62 3.87
N THR B 139 -15.25 17.53 3.60
CA THR B 139 -15.24 16.35 4.47
C THR B 139 -15.20 15.09 3.60
N ILE B 140 -14.19 14.25 3.81
CA ILE B 140 -13.97 13.03 3.03
C ILE B 140 -13.78 11.88 4.01
N VAL B 141 -14.44 10.75 3.74
CA VAL B 141 -14.31 9.57 4.59
C VAL B 141 -13.96 8.38 3.71
N GLN B 142 -12.84 7.75 4.02
CA GLN B 142 -12.38 6.55 3.33
C GLN B 142 -12.72 5.36 4.22
N VAL B 143 -13.61 4.48 3.74
CA VAL B 143 -14.07 3.34 4.52
C VAL B 143 -13.11 2.17 4.30
N SER B 144 -12.65 1.56 5.40
CA SER B 144 -11.59 0.54 5.34
C SER B 144 -11.87 -0.55 6.38
N THR B 145 -10.88 -1.44 6.59
CA THR B 145 -11.11 -2.75 7.20
C THR B 145 -10.11 -3.00 8.33
N ASP B 146 -10.54 -3.77 9.33
CA ASP B 146 -9.59 -4.17 10.37
C ASP B 146 -8.53 -5.14 9.87
N GLU B 147 -8.68 -5.68 8.67
CA GLU B 147 -7.69 -6.64 8.22
C GLU B 147 -6.38 -6.01 7.76
N VAL B 148 -6.30 -4.67 7.70
CA VAL B 148 -5.02 -4.03 7.38
C VAL B 148 -3.97 -4.29 8.46
N TYR B 149 -4.40 -4.63 9.68
CA TYR B 149 -3.47 -4.79 10.80
C TYR B 149 -2.91 -6.20 10.94
N GLY B 150 -3.50 -7.21 10.32
CA GLY B 150 -3.02 -8.55 10.60
C GLY B 150 -3.24 -9.04 12.04
N SER B 151 -2.76 -10.26 12.32
CA SER B 151 -3.30 -11.07 13.42
C SER B 151 -2.89 -10.53 14.78
N ILE B 152 -3.83 -10.60 15.73
CA ILE B 152 -3.58 -10.21 17.12
C ILE B 152 -4.12 -11.32 18.01
N GLU B 153 -3.22 -11.98 18.75
CA GLU B 153 -3.62 -13.14 19.53
C GLU B 153 -4.36 -12.75 20.81
N ALA B 154 -4.10 -11.58 21.37
CA ALA B 154 -4.77 -11.20 22.61
C ALA B 154 -4.93 -9.69 22.64
N GLY B 155 -6.11 -9.23 23.05
CA GLY B 155 -6.38 -7.81 23.05
C GLY B 155 -6.83 -7.31 21.68
N SER B 156 -6.91 -5.97 21.56
CA SER B 156 -7.39 -5.33 20.35
C SER B 156 -6.43 -4.24 19.91
N TRP B 157 -6.43 -3.96 18.61
CA TRP B 157 -5.60 -2.89 18.07
C TRP B 157 -6.25 -1.54 18.31
N SER B 158 -5.46 -0.56 18.74
CA SER B 158 -5.88 0.82 18.67
C SER B 158 -5.44 1.41 17.34
N GLU B 159 -5.84 2.66 17.07
CA GLU B 159 -5.57 3.30 15.79
C GLU B 159 -4.09 3.61 15.57
N ASP B 160 -3.22 3.29 16.53
CA ASP B 160 -1.79 3.46 16.39
C ASP B 160 -1.10 2.22 15.87
N ALA B 161 -1.86 1.15 15.64
CA ALA B 161 -1.28 -0.16 15.40
C ALA B 161 -0.57 -0.22 14.05
N PRO B 162 0.46 -1.05 13.93
CA PRO B 162 1.18 -1.17 12.66
C PRO B 162 0.36 -1.94 11.62
N LEU B 163 0.52 -1.53 10.37
CA LEU B 163 -0.08 -2.29 9.27
C LEU B 163 0.71 -3.56 9.01
N ALA B 164 0.00 -4.67 8.86
CA ALA B 164 0.60 -5.95 8.52
C ALA B 164 -0.44 -6.84 7.85
N PRO B 165 -0.94 -6.45 6.67
CA PRO B 165 -1.99 -7.23 6.03
C PRO B 165 -1.47 -8.57 5.56
N ASN B 166 -2.37 -9.55 5.55
CA ASN B 166 -2.04 -10.87 5.07
C ASN B 166 -2.52 -11.11 3.64
N SER B 167 -3.70 -10.61 3.29
CA SER B 167 -4.25 -11.00 2.00
C SER B 167 -4.07 -9.88 0.98
N PRO B 168 -4.07 -10.20 -0.32
CA PRO B 168 -3.98 -9.10 -1.31
C PRO B 168 -5.08 -8.08 -1.16
N TYR B 169 -6.31 -8.51 -0.79
CA TYR B 169 -7.39 -7.54 -0.55
C TYR B 169 -7.01 -6.56 0.55
N ALA B 170 -6.51 -7.08 1.68
CA ALA B 170 -6.18 -6.22 2.82
C ALA B 170 -4.97 -5.35 2.52
N ALA B 171 -3.99 -5.88 1.80
CA ALA B 171 -2.84 -5.07 1.42
C ALA B 171 -3.26 -3.92 0.52
N ALA B 172 -4.26 -4.16 -0.34
CA ALA B 172 -4.75 -3.12 -1.24
C ALA B 172 -5.54 -2.05 -0.47
N LYS B 173 -6.46 -2.48 0.40
CA LYS B 173 -7.10 -1.52 1.30
C LYS B 173 -6.06 -0.70 2.05
N ALA B 174 -5.03 -1.35 2.59
CA ALA B 174 -3.99 -0.63 3.32
C ALA B 174 -3.28 0.37 2.43
N GLY B 175 -3.02 0.00 1.17
CA GLY B 175 -2.36 0.93 0.26
C GLY B 175 -3.20 2.15 0.00
N GLY B 176 -4.52 1.95 -0.13
CA GLY B 176 -5.44 3.08 -0.27
C GLY B 176 -5.44 3.98 0.95
N ASP B 177 -5.50 3.38 2.14
CA ASP B 177 -5.43 4.17 3.38
C ASP B 177 -4.17 5.01 3.43
N LEU B 178 -3.02 4.42 3.06
CA LEU B 178 -1.74 5.12 3.18
C LEU B 178 -1.69 6.32 2.25
N ILE B 179 -2.22 6.20 1.03
CA ILE B 179 -2.14 7.32 0.11
C ILE B 179 -3.13 8.40 0.51
N ALA B 180 -4.29 8.01 1.05
CA ALA B 180 -5.23 9.01 1.56
C ALA B 180 -4.61 9.80 2.70
N LEU B 181 -3.92 9.12 3.62
CA LEU B 181 -3.29 9.83 4.72
C LEU B 181 -2.08 10.65 4.25
N ALA B 182 -1.39 10.19 3.19
CA ALA B 182 -0.32 11.02 2.64
C ALA B 182 -0.89 12.30 2.04
N TYR B 183 -2.06 12.21 1.41
CA TYR B 183 -2.70 13.42 0.90
C TYR B 183 -3.11 14.35 2.04
N ALA B 184 -3.64 13.80 3.12
CA ALA B 184 -3.91 14.58 4.32
C ALA B 184 -2.66 15.30 4.82
N ARG B 185 -1.53 14.58 4.92
CA ARG B 185 -0.32 15.16 5.49
C ARG B 185 0.37 16.12 4.53
N THR B 186 0.34 15.82 3.22
CA THR B 186 1.05 16.63 2.25
C THR B 186 0.26 17.87 1.85
N TYR B 187 -1.01 17.70 1.48
CA TYR B 187 -1.81 18.79 0.93
C TYR B 187 -2.87 19.30 1.91
N GLY B 188 -2.90 18.80 3.13
CA GLY B 188 -3.98 19.16 4.04
C GLY B 188 -5.34 18.62 3.65
N LEU B 189 -5.38 17.52 2.89
CA LEU B 189 -6.67 16.97 2.47
C LEU B 189 -7.48 16.58 3.71
N PRO B 190 -8.74 16.98 3.80
CA PRO B 190 -9.54 16.72 5.01
C PRO B 190 -10.20 15.34 5.00
N VAL B 191 -9.39 14.30 4.94
CA VAL B 191 -9.90 12.94 4.85
C VAL B 191 -9.75 12.26 6.20
N ARG B 192 -10.79 11.53 6.59
CA ARG B 192 -10.77 10.62 7.74
C ARG B 192 -10.88 9.19 7.24
N ILE B 193 -10.24 8.27 7.97
CA ILE B 193 -10.27 6.83 7.66
C ILE B 193 -11.08 6.13 8.73
N THR B 194 -11.98 5.23 8.33
CA THR B 194 -12.64 4.33 9.26
C THR B 194 -12.18 2.90 9.01
N ARG B 195 -12.07 2.12 10.08
CA ARG B 195 -11.78 0.70 9.96
C ARG B 195 -12.76 -0.09 10.82
N CYS B 196 -13.25 -1.20 10.26
CA CYS B 196 -14.28 -1.99 10.91
C CYS B 196 -14.05 -3.46 10.60
N GLY B 197 -14.57 -4.33 11.46
CA GLY B 197 -14.59 -5.75 11.19
C GLY B 197 -15.72 -6.15 10.25
N ASN B 198 -15.91 -7.47 10.14
CA ASN B 198 -16.86 -8.06 9.19
C ASN B 198 -18.29 -7.59 9.44
N ASN B 199 -18.95 -7.09 8.38
CA ASN B 199 -20.33 -6.65 8.43
C ASN B 199 -21.27 -7.77 8.00
N TYR B 200 -22.50 -7.72 8.50
CA TYR B 200 -23.55 -8.60 8.00
C TYR B 200 -24.87 -7.83 8.03
N GLY B 201 -25.88 -8.38 7.36
CA GLY B 201 -27.21 -7.81 7.32
C GLY B 201 -27.92 -7.93 5.98
N PRO B 202 -29.04 -7.23 5.85
CA PRO B 202 -29.81 -7.28 4.59
C PRO B 202 -29.09 -6.62 3.44
N TYR B 203 -29.33 -7.18 2.24
CA TYR B 203 -28.77 -6.74 0.96
C TYR B 203 -27.28 -7.03 0.80
N GLN B 204 -26.72 -8.00 1.53
CA GLN B 204 -25.33 -8.36 1.31
C GLN B 204 -25.22 -9.38 0.19
N PHE B 205 -24.29 -9.15 -0.72
CA PHE B 205 -24.12 -10.05 -1.87
C PHE B 205 -23.75 -11.45 -1.36
N PRO B 206 -24.44 -12.52 -1.83
CA PRO B 206 -24.31 -13.83 -1.17
C PRO B 206 -23.05 -14.62 -1.47
N GLU B 207 -21.96 -13.92 -1.81
CA GLU B 207 -20.64 -14.57 -1.79
C GLU B 207 -20.00 -14.51 -0.40
N LYS B 208 -20.47 -13.61 0.47
CA LYS B 208 -19.88 -13.47 1.78
C LYS B 208 -20.46 -14.52 2.73
N VAL B 209 -19.73 -14.82 3.81
CA VAL B 209 -19.96 -16.08 4.50
C VAL B 209 -21.39 -16.17 5.05
N ILE B 210 -21.89 -15.11 5.66
CA ILE B 210 -23.21 -15.24 6.30
C ILE B 210 -24.30 -15.39 5.23
N PRO B 211 -24.39 -14.51 4.23
CA PRO B 211 -25.46 -14.70 3.22
C PRO B 211 -25.25 -15.94 2.36
N LEU B 212 -23.99 -16.32 2.11
CA LEU B 212 -23.72 -17.60 1.45
C LEU B 212 -24.35 -18.75 2.21
N PHE B 213 -24.11 -18.81 3.51
CA PHE B 213 -24.69 -19.88 4.33
C PHE B 213 -26.20 -19.85 4.28
N LEU B 214 -26.79 -18.68 4.54
CA LEU B 214 -28.25 -18.61 4.59
C LEU B 214 -28.86 -19.03 3.27
N THR B 215 -28.36 -18.50 2.15
CA THR B 215 -29.01 -18.75 0.87
C THR B 215 -28.80 -20.19 0.43
N ARG B 216 -27.62 -20.76 0.65
CA ARG B 216 -27.40 -22.16 0.33
C ARG B 216 -28.30 -23.06 1.16
N LEU B 217 -28.34 -22.83 2.48
CA LEU B 217 -29.14 -23.66 3.37
C LEU B 217 -30.63 -23.56 3.05
N MET B 218 -31.10 -22.36 2.72
CA MET B 218 -32.51 -22.21 2.36
C MET B 218 -32.85 -22.94 1.06
N ASP B 219 -31.84 -23.25 0.25
CA ASP B 219 -31.98 -24.02 -0.97
C ASP B 219 -31.65 -25.49 -0.77
N GLY B 220 -31.38 -25.91 0.47
CA GLY B 220 -31.03 -27.30 0.71
C GLY B 220 -29.69 -27.72 0.16
N ARG B 221 -28.74 -26.79 0.03
CA ARG B 221 -27.44 -27.07 -0.56
C ARG B 221 -26.35 -27.01 0.52
N SER B 222 -25.12 -27.32 0.11
CA SER B 222 -24.01 -27.42 1.03
C SER B 222 -23.42 -26.04 1.33
N VAL B 223 -22.74 -25.94 2.46
CA VAL B 223 -22.07 -24.71 2.85
C VAL B 223 -20.63 -25.03 3.25
N PRO B 224 -19.68 -24.13 3.02
CA PRO B 224 -18.27 -24.47 3.26
C PRO B 224 -17.81 -24.08 4.66
N LEU B 225 -16.94 -24.93 5.20
CA LEU B 225 -16.11 -24.59 6.36
C LEU B 225 -14.66 -24.72 5.93
N TYR B 226 -13.93 -23.61 5.96
CA TYR B 226 -12.55 -23.59 5.50
C TYR B 226 -11.60 -23.92 6.64
N GLY B 227 -10.66 -24.83 6.36
CA GLY B 227 -9.54 -25.06 7.26
C GLY B 227 -9.94 -25.66 8.60
N ASP B 228 -9.17 -25.32 9.64
CA ASP B 228 -9.46 -25.87 10.95
C ASP B 228 -10.59 -25.15 11.66
N GLY B 229 -11.08 -24.04 11.12
CA GLY B 229 -12.18 -23.33 11.73
C GLY B 229 -11.82 -22.48 12.93
N ARG B 230 -10.53 -22.35 13.25
CA ARG B 230 -10.15 -21.69 14.49
C ARG B 230 -9.92 -20.20 14.33
N ASN B 231 -9.96 -19.68 13.11
CA ASN B 231 -9.80 -18.25 12.90
C ASN B 231 -10.91 -17.50 13.61
N VAL B 232 -10.58 -16.34 14.14
CA VAL B 232 -11.46 -15.53 14.97
C VAL B 232 -11.73 -14.21 14.25
N ARG B 233 -13.01 -13.82 14.16
CA ARG B 233 -13.40 -12.57 13.52
C ARG B 233 -14.42 -11.84 14.38
N ASP B 234 -14.44 -10.52 14.22
CA ASP B 234 -15.45 -9.67 14.83
C ASP B 234 -16.56 -9.45 13.83
N TRP B 235 -17.79 -9.41 14.32
CA TRP B 235 -18.99 -9.33 13.51
C TRP B 235 -19.81 -8.14 13.98
N ILE B 236 -20.21 -7.29 13.05
CA ILE B 236 -20.98 -6.09 13.38
C ILE B 236 -22.09 -5.93 12.36
N HIS B 237 -23.28 -5.57 12.85
CA HIS B 237 -24.40 -5.34 11.95
C HIS B 237 -24.16 -4.06 11.18
N VAL B 238 -24.59 -4.06 9.92
CA VAL B 238 -24.28 -2.96 9.01
C VAL B 238 -24.85 -1.65 9.52
N ALA B 239 -25.97 -1.69 10.25
CA ALA B 239 -26.51 -0.43 10.76
C ALA B 239 -25.60 0.20 11.81
N ASP B 240 -24.90 -0.63 12.61
CA ASP B 240 -23.96 -0.11 13.61
C ASP B 240 -22.71 0.45 12.95
N HIS B 241 -22.17 -0.26 11.96
CA HIS B 241 -21.06 0.29 11.18
C HIS B 241 -21.42 1.67 10.65
N CYS B 242 -22.59 1.80 10.02
CA CYS B 242 -22.97 3.07 9.40
C CYS B 242 -23.19 4.18 10.43
N ARG B 243 -23.67 3.83 11.63
CA ARG B 243 -23.76 4.84 12.69
C ARG B 243 -22.37 5.30 13.11
N GLY B 244 -21.41 4.38 13.21
CA GLY B 244 -20.04 4.77 13.48
C GLY B 244 -19.49 5.70 12.41
N ILE B 245 -19.77 5.39 11.15
CA ILE B 245 -19.32 6.23 10.06
C ILE B 245 -19.94 7.61 10.16
N GLN B 246 -21.23 7.67 10.46
CA GLN B 246 -21.88 8.97 10.58
C GLN B 246 -21.29 9.78 11.73
N THR B 247 -20.94 9.10 12.82
CA THR B 247 -20.26 9.77 13.92
C THR B 247 -18.95 10.42 13.45
N VAL B 248 -18.18 9.68 12.65
CA VAL B 248 -16.94 10.22 12.11
C VAL B 248 -17.22 11.40 11.18
N VAL B 249 -18.29 11.31 10.40
CA VAL B 249 -18.66 12.42 9.51
C VAL B 249 -18.93 13.67 10.34
N GLU B 250 -19.64 13.52 11.46
CA GLU B 250 -20.07 14.66 12.25
C GLU B 250 -19.00 15.16 13.21
N ARG B 251 -18.24 14.28 13.84
CA ARG B 251 -17.37 14.67 14.95
C ARG B 251 -15.90 14.33 14.77
N GLY B 252 -15.49 13.82 13.59
CA GLY B 252 -14.13 13.36 13.38
C GLY B 252 -13.21 14.43 12.79
N ALA B 253 -11.90 14.21 12.95
CA ALA B 253 -10.88 15.19 12.58
C ALA B 253 -10.12 14.75 11.34
N SER B 254 -9.79 15.73 10.49
CA SER B 254 -9.00 15.46 9.30
C SER B 254 -7.71 14.73 9.66
N GLY B 255 -7.31 13.79 8.81
CA GLY B 255 -6.07 13.06 8.98
C GLY B 255 -6.07 11.98 10.04
N GLU B 256 -7.22 11.67 10.66
CA GLU B 256 -7.30 10.71 11.74
C GLU B 256 -7.95 9.41 11.27
N VAL B 257 -7.56 8.31 11.93
CA VAL B 257 -8.18 6.99 11.77
C VAL B 257 -9.16 6.77 12.92
N TYR B 258 -10.29 6.11 12.64
CA TYR B 258 -11.28 5.79 13.68
C TYR B 258 -11.75 4.35 13.54
N HIS B 259 -11.60 3.57 14.62
CA HIS B 259 -12.09 2.20 14.64
C HIS B 259 -13.56 2.12 15.05
N ILE B 260 -14.24 1.13 14.46
CA ILE B 260 -15.60 0.76 14.82
C ILE B 260 -15.56 -0.74 15.09
N ALA B 261 -15.85 -1.14 16.33
CA ALA B 261 -15.57 -2.50 16.73
C ALA B 261 -16.83 -3.36 16.73
N GLY B 262 -16.61 -4.67 16.73
CA GLY B 262 -17.69 -5.62 16.65
C GLY B 262 -18.52 -5.64 17.92
N THR B 263 -19.64 -6.35 17.82
CA THR B 263 -20.46 -6.69 18.97
C THR B 263 -20.43 -8.19 19.26
N ALA B 264 -19.67 -8.97 18.49
CA ALA B 264 -19.53 -10.39 18.77
C ALA B 264 -18.23 -10.86 18.16
N GLU B 265 -17.44 -11.59 18.94
CA GLU B 265 -16.19 -12.16 18.48
C GLU B 265 -16.36 -13.68 18.45
N LEU B 266 -16.10 -14.28 17.28
CA LEU B 266 -16.42 -15.68 17.07
C LEU B 266 -15.32 -16.38 16.29
N THR B 267 -15.02 -17.61 16.66
CA THR B 267 -14.29 -18.47 15.75
C THR B 267 -15.20 -18.89 14.59
N ASN B 268 -14.58 -19.28 13.48
CA ASN B 268 -15.40 -19.70 12.34
C ASN B 268 -16.19 -20.95 12.67
N LEU B 269 -15.68 -21.81 13.55
CA LEU B 269 -16.48 -22.94 14.02
C LEU B 269 -17.72 -22.46 14.78
N GLU B 270 -17.53 -21.56 15.73
CA GLU B 270 -18.67 -21.01 16.47
C GLU B 270 -19.66 -20.33 15.52
N LEU B 271 -19.14 -19.52 14.59
CA LEU B 271 -19.99 -18.90 13.59
C LEU B 271 -20.79 -19.94 12.81
N THR B 272 -20.13 -21.01 12.40
CA THR B 272 -20.82 -22.06 11.66
C THR B 272 -21.97 -22.65 12.48
N GLN B 273 -21.71 -22.95 13.76
CA GLN B 273 -22.77 -23.51 14.60
C GLN B 273 -23.93 -22.52 14.75
N HIS B 274 -23.61 -21.23 14.96
CA HIS B 274 -24.65 -20.22 15.11
C HIS B 274 -25.51 -20.14 13.86
N LEU B 275 -24.86 -20.13 12.68
CA LEU B 275 -25.60 -20.05 11.42
C LEU B 275 -26.48 -21.27 11.21
N LEU B 276 -25.94 -22.47 11.46
CA LEU B 276 -26.75 -23.68 11.33
C LEU B 276 -27.99 -23.60 12.22
N ASP B 277 -27.79 -23.24 13.50
CA ASP B 277 -28.91 -23.08 14.42
C ASP B 277 -29.91 -22.05 13.91
N ALA B 278 -29.42 -20.90 13.48
CA ALA B 278 -30.31 -19.81 13.12
C ALA B 278 -31.20 -20.16 11.95
N VAL B 279 -30.78 -21.06 11.07
CA VAL B 279 -31.60 -21.43 9.92
C VAL B 279 -32.16 -22.83 10.06
N GLY B 280 -31.80 -23.56 11.11
CA GLY B 280 -32.26 -24.93 11.25
C GLY B 280 -31.56 -25.93 10.36
N GLY B 281 -30.30 -25.68 10.00
CA GLY B 281 -29.57 -26.61 9.16
C GLY B 281 -28.85 -27.69 9.95
N SER B 282 -28.23 -28.61 9.23
CA SER B 282 -27.54 -29.75 9.79
C SER B 282 -26.06 -29.68 9.47
N TRP B 283 -25.23 -30.17 10.39
CA TRP B 283 -23.82 -30.31 10.07
C TRP B 283 -23.59 -31.16 8.81
N ASP B 284 -24.55 -32.02 8.46
CA ASP B 284 -24.42 -32.79 7.22
C ASP B 284 -24.31 -31.89 6.00
N ALA B 285 -24.71 -30.63 6.12
CA ALA B 285 -24.62 -29.69 5.01
C ALA B 285 -23.26 -29.03 4.90
N VAL B 286 -22.38 -29.21 5.88
CA VAL B 286 -21.13 -28.44 5.97
C VAL B 286 -20.01 -29.22 5.29
N GLU B 287 -19.60 -28.75 4.11
CA GLU B 287 -18.47 -29.28 3.37
C GLU B 287 -17.16 -28.74 3.96
N ARG B 288 -16.32 -29.65 4.47
CA ARG B 288 -15.00 -29.25 4.92
C ARG B 288 -14.11 -28.99 3.71
N VAL B 289 -13.51 -27.82 3.65
CA VAL B 289 -12.67 -27.48 2.49
C VAL B 289 -11.29 -27.05 2.96
N PRO B 290 -10.24 -27.40 2.22
CA PRO B 290 -8.87 -27.16 2.72
C PRO B 290 -8.54 -25.68 2.83
N ASP B 291 -7.44 -25.42 3.55
CA ASP B 291 -6.78 -24.12 3.80
C ASP B 291 -7.13 -23.02 2.82
N ARG B 292 -7.31 -21.79 3.32
CA ARG B 292 -7.62 -20.63 2.51
C ARG B 292 -6.44 -19.68 2.30
N LYS B 293 -5.24 -20.02 2.78
CA LYS B 293 -3.98 -19.28 2.52
C LYS B 293 -3.84 -17.98 3.31
N GLY B 294 -2.97 -17.94 4.32
CA GLY B 294 -2.70 -16.72 5.05
C GLY B 294 -2.16 -16.95 6.45
N HIS B 295 -1.89 -15.84 7.14
CA HIS B 295 -1.41 -15.78 8.52
C HIS B 295 -2.42 -15.04 9.43
N ASP B 296 -3.69 -15.40 9.35
CA ASP B 296 -4.79 -14.51 9.74
C ASP B 296 -5.61 -15.15 10.85
N ARG B 297 -4.98 -15.32 12.02
CA ARG B 297 -5.63 -16.07 13.09
C ARG B 297 -6.76 -15.26 13.73
N ARG B 298 -6.52 -13.99 14.04
CA ARG B 298 -7.51 -13.20 14.77
C ARG B 298 -7.37 -11.72 14.42
N TYR B 299 -8.50 -11.07 14.15
CA TYR B 299 -8.59 -9.63 13.96
C TYR B 299 -9.52 -9.02 15.00
N SER B 300 -9.09 -7.93 15.63
CA SER B 300 -9.93 -7.32 16.67
C SER B 300 -9.51 -5.88 16.91
N LEU B 301 -10.47 -4.95 16.86
CA LEU B 301 -10.24 -3.53 17.04
C LEU B 301 -10.76 -3.06 18.39
N SER B 302 -10.09 -2.05 18.94
CA SER B 302 -10.63 -1.25 20.03
C SER B 302 -11.20 0.04 19.46
N ASP B 303 -12.44 0.37 19.84
CA ASP B 303 -13.05 1.62 19.39
C ASP B 303 -13.29 2.59 20.54
N ALA B 304 -12.44 2.55 21.56
CA ALA B 304 -12.49 3.56 22.61
C ALA B 304 -12.46 4.98 22.02
N LYS B 305 -11.62 5.20 21.02
CA LYS B 305 -11.46 6.54 20.44
C LYS B 305 -12.78 7.09 19.92
N LEU B 306 -13.56 6.26 19.21
CA LEU B 306 -14.80 6.73 18.62
C LEU B 306 -15.93 6.76 19.63
N ARG B 307 -15.95 5.80 20.56
CA ARG B 307 -16.97 5.84 21.61
C ARG B 307 -16.83 7.10 22.46
N ALA B 308 -15.59 7.60 22.63
CA ALA B 308 -15.40 8.89 23.28
C ALA B 308 -16.10 10.01 22.52
N LEU B 309 -16.32 9.85 21.22
CA LEU B 309 -17.06 10.83 20.45
C LEU B 309 -18.56 10.59 20.47
N GLY B 310 -19.02 9.56 21.18
CA GLY B 310 -20.44 9.30 21.34
C GLY B 310 -20.99 8.11 20.56
N TYR B 311 -20.18 7.37 19.82
CA TYR B 311 -20.70 6.20 19.11
C TYR B 311 -20.90 5.04 20.09
N ALA B 312 -21.99 4.30 19.89
CA ALA B 312 -22.11 3.03 20.60
C ALA B 312 -22.93 2.05 19.76
N PRO B 313 -22.50 0.80 19.64
CA PRO B 313 -23.29 -0.19 18.91
C PRO B 313 -24.59 -0.51 19.63
N ARG B 314 -25.63 -0.78 18.85
CA ARG B 314 -26.95 -1.07 19.39
C ARG B 314 -27.48 -2.46 19.10
N VAL B 315 -26.92 -3.19 18.12
CA VAL B 315 -27.50 -4.43 17.63
C VAL B 315 -26.77 -5.61 18.26
N PRO B 316 -27.36 -6.32 19.22
CA PRO B 316 -26.77 -7.58 19.67
C PRO B 316 -26.71 -8.57 18.51
N PHE B 317 -25.64 -9.38 18.48
CA PHE B 317 -25.43 -10.27 17.35
C PHE B 317 -26.61 -11.22 17.13
N ALA B 318 -27.16 -11.78 18.20
CA ALA B 318 -28.23 -12.76 18.00
C ALA B 318 -29.47 -12.10 17.40
N ASP B 319 -29.79 -10.88 17.82
CA ASP B 319 -30.94 -10.19 17.24
C ASP B 319 -30.68 -9.81 15.79
N GLY B 320 -29.48 -9.29 15.50
CA GLY B 320 -29.18 -8.90 14.14
C GLY B 320 -29.15 -10.08 13.19
N LEU B 321 -28.60 -11.20 13.66
CA LEU B 321 -28.58 -12.42 12.86
C LEU B 321 -29.98 -12.91 12.58
N ALA B 322 -30.84 -12.91 13.61
CA ALA B 322 -32.23 -13.34 13.40
C ALA B 322 -32.92 -12.45 12.38
N GLU B 323 -32.70 -11.13 12.45
CA GLU B 323 -33.35 -10.26 11.49
C GLU B 323 -32.81 -10.52 10.08
N THR B 324 -31.52 -10.80 9.97
CA THR B 324 -30.94 -11.11 8.67
C THR B 324 -31.50 -12.41 8.10
N VAL B 325 -31.60 -13.45 8.93
CA VAL B 325 -32.18 -14.71 8.46
C VAL B 325 -33.61 -14.47 7.96
N ALA B 326 -34.43 -13.81 8.77
CA ALA B 326 -35.80 -13.51 8.33
C ALA B 326 -35.81 -12.74 7.00
N TRP B 327 -34.90 -11.76 6.85
CA TRP B 327 -34.88 -10.96 5.63
C TRP B 327 -34.58 -11.81 4.40
N TYR B 328 -33.55 -12.66 4.46
CA TYR B 328 -33.25 -13.51 3.31
C TYR B 328 -34.38 -14.50 3.03
N ARG B 329 -34.94 -15.08 4.10
CA ARG B 329 -36.09 -15.96 3.95
C ARG B 329 -37.25 -15.28 3.23
N ALA B 330 -37.43 -13.99 3.46
CA ALA B 330 -38.56 -13.28 2.90
C ALA B 330 -38.26 -12.62 1.56
N ASN B 331 -37.00 -12.56 1.13
CA ASN B 331 -36.64 -11.78 -0.06
C ASN B 331 -35.88 -12.65 -1.07
N ARG B 332 -36.39 -13.86 -1.36
CA ARG B 332 -35.79 -14.71 -2.39
C ARG B 332 -35.71 -13.98 -3.73
N HIS B 333 -36.71 -13.16 -4.05
CA HIS B 333 -36.68 -12.46 -5.33
C HIS B 333 -35.45 -11.57 -5.44
N TRP B 334 -34.88 -11.14 -4.30
CA TRP B 334 -33.66 -10.34 -4.38
C TRP B 334 -32.42 -11.22 -4.53
N TRP B 335 -32.32 -12.33 -3.80
CA TRP B 335 -31.05 -13.05 -3.82
C TRP B 335 -31.00 -14.22 -4.79
N GLU B 336 -32.14 -14.81 -5.19
CA GLU B 336 -32.08 -15.96 -6.09
C GLU B 336 -31.37 -15.67 -7.40
N PRO B 337 -31.60 -14.55 -8.09
CA PRO B 337 -30.81 -14.30 -9.32
C PRO B 337 -29.31 -14.21 -9.03
N LEU B 338 -28.94 -13.78 -7.82
CA LEU B 338 -27.53 -13.63 -7.46
C LEU B 338 -26.89 -14.98 -7.16
N ARG B 339 -27.62 -15.85 -6.46
CA ARG B 339 -27.17 -17.22 -6.20
C ARG B 339 -26.95 -17.97 -7.51
N LYS B 340 -27.85 -17.79 -8.47
CA LYS B 340 -27.69 -18.47 -9.76
C LYS B 340 -26.48 -17.96 -10.52
N GLN B 341 -26.18 -16.66 -10.40
CA GLN B 341 -25.03 -16.09 -11.08
C GLN B 341 -23.72 -16.59 -10.48
N LEU B 342 -23.67 -16.75 -9.16
CA LEU B 342 -22.53 -17.39 -8.50
C LEU B 342 -22.42 -18.87 -8.83
N ASP B 343 -23.54 -19.47 -9.26
CA ASP B 343 -23.75 -20.91 -9.51
C ASP B 343 -23.89 -21.64 -8.18
PA NAD C . 16.37 5.72 -9.93
O1A NAD C . 17.82 6.15 -10.09
O2A NAD C . 15.38 6.88 -10.15
O5B NAD C . 16.07 4.43 -10.87
C5B NAD C . 14.76 3.88 -10.96
C4B NAD C . 14.84 2.94 -12.19
O4B NAD C . 13.72 2.32 -12.38
C3B NAD C . 15.12 3.79 -13.48
O3B NAD C . 16.16 3.28 -14.22
C2B NAD C . 13.78 3.73 -14.20
O2B NAD C . 13.98 3.83 -15.69
C1B NAD C . 13.29 2.54 -13.89
N9A NAD C . 11.82 2.40 -13.90
C8A NAD C . 10.93 3.27 -13.41
N7A NAD C . 9.70 2.78 -13.57
C5A NAD C . 9.79 1.58 -14.14
C6A NAD C . 8.84 0.62 -14.54
N6A NAD C . 7.42 0.88 -14.33
N1A NAD C . 9.25 -0.50 -15.10
C2A NAD C . 10.55 -0.70 -15.28
N3A NAD C . 11.47 0.17 -14.92
C4A NAD C . 11.14 1.32 -14.36
O3 NAD C . 16.09 5.23 -8.41
PN NAD C . 17.21 4.60 -7.37
O1N NAD C . 18.22 3.79 -8.07
O2N NAD C . 17.81 5.78 -6.56
O5D NAD C . 16.33 3.65 -6.36
C5D NAD C . 16.03 2.30 -6.73
C4D NAD C . 15.08 1.75 -5.68
O4D NAD C . 15.76 2.01 -4.20
C3D NAD C . 13.92 2.35 -5.66
O3D NAD C . 12.85 1.35 -5.31
C2D NAD C . 13.96 3.39 -4.49
O2D NAD C . 12.74 3.60 -4.01
C1D NAD C . 14.86 2.60 -3.48
N1N NAD C . 15.55 3.49 -2.53
C2N NAD C . 16.26 4.50 -2.99
C3N NAD C . 16.95 5.38 -2.09
C7N NAD C . 17.82 6.58 -2.60
O7N NAD C . 18.32 7.27 -1.80
N7N NAD C . 18.04 6.82 -4.05
C4N NAD C . 16.89 5.13 -0.74
C5N NAD C . 16.14 4.05 -0.29
C6N NAD C . 15.48 3.24 -1.25
C1 PEG D . 16.59 7.02 -21.02
O1 PEG D . 16.46 8.18 -20.21
C2 PEG D . 17.24 7.31 -22.33
O2 PEG D . 18.08 6.21 -22.70
C3 PEG D . 19.07 5.90 -21.73
C4 PEG D . 20.44 6.10 -22.32
O4 PEG D . 21.03 7.32 -21.90
PA NAD E . -19.61 -4.61 -1.90
O1A NAD E . -20.98 -5.13 -1.45
O2A NAD E . -18.74 -5.69 -2.55
O5B NAD E . -19.89 -3.33 -2.89
C5B NAD E . -18.76 -2.71 -3.50
C4B NAD E . -19.34 -1.55 -4.35
O4B NAD E . -18.38 -0.84 -4.87
C3B NAD E . -20.15 -2.18 -5.51
O3B NAD E . -21.41 -1.66 -5.55
C2B NAD E . -19.27 -1.89 -6.72
O2B NAD E . -20.06 -1.79 -8.01
C1B NAD E . -18.69 -0.74 -6.42
N9A NAD E . -17.37 -0.57 -7.06
C8A NAD E . -16.37 -1.44 -7.09
N7A NAD E . -15.33 -0.88 -7.73
C5A NAD E . -15.66 0.37 -8.10
C6A NAD E . -15.00 1.41 -8.79
N6A NAD E . -13.63 1.25 -9.28
N1A NAD E . -15.65 2.55 -8.97
C2A NAD E . -16.89 2.70 -8.54
N3A NAD E . -17.55 1.74 -7.89
C4A NAD E . -16.97 0.56 -7.66
O3 NAD E . -18.72 -4.08 -0.66
PN NAD E . -19.27 -3.67 0.87
O1N NAD E . -20.47 -2.85 0.79
O2N NAD E . -19.45 -4.98 1.68
O5D NAD E . -18.03 -2.75 1.46
C5D NAD E . -17.86 -1.41 1.01
C4D NAD E . -16.58 -0.87 1.61
O4D NAD E . -16.51 -1.39 3.19
C3D NAD E . -15.49 -1.30 1.03
O3D NAD E . -14.45 -0.22 1.08
C2D NAD E . -14.94 -2.48 1.91
O2D NAD E . -13.63 -2.67 1.75
C1D NAD E . -15.34 -1.93 3.34
N1N NAD E . -15.54 -2.96 4.38
C2N NAD E . -16.36 -3.97 4.18
C3N NAD E . -16.52 -4.95 5.23
C7N NAD E . -17.47 -6.17 5.05
O7N NAD E . -17.51 -7.01 5.88
N7N NAD E . -18.34 -6.22 3.86
C4N NAD E . -15.88 -4.79 6.44
C5N NAD E . -15.06 -3.68 6.62
C6N NAD E . -14.93 -2.78 5.54
C1 PEG F . -31.86 0.59 5.53
O1 PEG F . -32.47 1.48 6.48
C2 PEG F . -32.69 -0.64 5.28
O2 PEG F . -31.90 -1.81 5.49
C3 PEG F . -32.48 -2.74 6.40
C4 PEG F . -33.69 -3.37 5.79
O4 PEG F . -34.46 -4.10 6.75
C1 PEG G . -27.31 -30.23 13.96
O1 PEG G . -26.56 -30.97 13.01
C2 PEG G . -26.47 -29.22 14.70
O2 PEG G . -26.96 -27.90 14.40
C3 PEG G . -28.33 -27.73 14.72
C4 PEG G . -28.89 -26.59 13.93
O4 PEG G . -30.17 -26.89 13.36
#